data_6QGR
#
_entry.id   6QGR
#
_cell.length_a   235.826
_cell.length_b   235.826
_cell.length_c   235.826
_cell.angle_alpha   90.00
_cell.angle_beta   90.00
_cell.angle_gamma   90.00
#
_symmetry.space_group_name_H-M   'F 2 3'
#
loop_
_entity.id
_entity.type
_entity.pdbx_description
1 polymer 'Coenzyme F420 hydrogenase subunit gamma'
2 polymer 'Coenzyme F420 hydrogenase subunit alpha'
3 polymer 'Coenzyme F420 hydrogenase subunit beta'
4 non-polymer 'IRON/SULFUR CLUSTER'
5 non-polymer 'FE2/S2 (INORGANIC) CLUSTER'
6 non-polymer TRIS-HYDROXYMETHYL-METHYL-AMMONIUM
7 non-polymer (R,R)-2,3-BUTANEDIOL
8 non-polymer (4S)-2-METHYL-2,4-PENTANEDIOL
9 non-polymer formyl[bis(hydrocyanato-1kappaC)]ironnickel(Fe-Ni)
10 non-polymer 'FE (III) ION'
11 non-polymer 'MAGNESIUM ION'
12 non-polymer 'FLAVIN-ADENINE DINUCLEOTIDE'
13 water water
#
loop_
_entity_poly.entity_id
_entity_poly.type
_entity_poly.pdbx_seq_one_letter_code
_entity_poly.pdbx_strand_id
1 'polypeptide(L)'
;TNKIKIGHVHMSGCTGCLVSLADNNLGLIKILDDYADLVYCLTLADVRHIPEMDVALVEGSVCLQDHESVEDIKETRKKS
KIVVALGSCACYGNITRFSRGGQHNQPQHESYLPIGDLIDVDVYIPGCPPSPELIRNVAVMAYLLLEGNEEQKELAGKYL
KPLMDLAKRGTSGCFCDLMYDVINQGLCMGCGTCAASCPVHAITLEFGKPQGERDLCIKCGSCYGACPRSFFNLDVISEF
ENISEIIAKALKD
;
G
2 'polypeptide(L)'
;TKVVEISPTTRLEGHSKLTLKVNDQGIVERGDWLSITPVRGIEKLAIGKTMEQVPKIASRVCGICPIAHTLASTEAMEAS
IGCEIPTDAKLLRIILHAANRIHSHALHNILILPDFYIPGTEKKFNLFANEQPARSVMARIVRIREIAQTIAAIAGGEAI
HPSNPRIGGMYHNVSPRAKQKMADLAKECLVLVHEQMEFMLDVIRNMQNREFVEVGGKQIPLPKKLGYHNQGVMATAPMY
GSSSLDDNPTWDFTRWKETRPWDWYMGEVTIDLEDPSYPIGGTTKVGTKANPQMESCTGVPTYDGQPVEVGPRARLATFK
NFDEKGTFAQHIARQMEYPDCCYTILNCLDNLNTSGKVLADHIPQGDGSMGWAANEAPRGSNIHLARVKDGKVRWYDMLV
PTTWNFPTCSRALTGAPWQIAEMVVRAYDPCVSCATH
;
A
3 'polypeptide(L)'
;MIEDPYLGKYVTCVSARSTDKEILKKAQDGGIATALMVYALEEGFIDGTIVAGEGDKPWQPKPVVAMTREDILKARGTRY
NISPQISWLKEATRSFGLDKVGVTGVCCQMQAVRKAQLYPINMRDVPGKVAFTVGLFCMENFSYKSLQSIVEDHANQSLG
SVKKMEITKGKFWVYTERGNVATVPLKATHKYEQPGCHVCLDYVSNLADISTGSVGSPDGWSTVFIRTKVGNEIWSKAVA
DGMFETKPIEEVKPGLDLLRKLAKQKIDKNQKTVEERKTFGINKGLRNPYA
;
B
#
# COMPACT_ATOMS: atom_id res chain seq x y z
N THR A 1 13.10 -30.35 7.78
CA THR A 1 12.22 -29.54 8.63
C THR A 1 10.75 -29.49 8.14
N ASN A 2 9.86 -29.17 9.08
CA ASN A 2 8.48 -28.98 8.72
C ASN A 2 8.21 -27.55 8.26
N LYS A 3 7.06 -27.38 7.62
CA LYS A 3 6.49 -26.07 7.41
C LYS A 3 6.02 -25.49 8.72
N ILE A 4 6.25 -24.19 8.93
CA ILE A 4 5.62 -23.57 10.10
C ILE A 4 4.12 -23.41 9.84
N LYS A 5 3.38 -23.20 10.92
CA LYS A 5 1.94 -23.03 10.84
C LYS A 5 1.58 -21.55 11.01
N ILE A 6 0.80 -21.01 10.07
CA ILE A 6 0.47 -19.58 9.98
C ILE A 6 -1.04 -19.40 9.92
N GLY A 7 -1.57 -18.50 10.74
CA GLY A 7 -2.95 -18.06 10.62
C GLY A 7 -3.05 -16.58 10.30
N HIS A 8 -4.16 -16.22 9.66
CA HIS A 8 -4.55 -14.83 9.48
C HIS A 8 -5.75 -14.61 10.37
N VAL A 9 -5.59 -13.77 11.36
CA VAL A 9 -6.69 -13.41 12.24
C VAL A 9 -7.20 -12.02 11.89
N HIS A 10 -8.53 -11.89 11.76
CA HIS A 10 -9.19 -10.66 11.30
C HIS A 10 -10.02 -10.05 12.42
N MET A 11 -9.49 -8.96 13.01
CA MET A 11 -10.22 -8.20 14.03
C MET A 11 -11.00 -7.11 13.31
N SER A 12 -10.98 -5.86 13.81
CA SER A 12 -11.66 -4.75 13.13
C SER A 12 -10.72 -4.15 12.06
N GLY A 13 -10.60 -4.91 10.97
CA GLY A 13 -9.73 -4.57 9.86
C GLY A 13 -10.52 -4.41 8.57
N CYS A 14 -9.80 -4.13 7.48
CA CYS A 14 -10.49 -3.91 6.20
C CYS A 14 -10.23 -5.01 5.17
N THR A 15 -9.35 -5.98 5.50
CA THR A 15 -8.89 -7.11 4.68
C THR A 15 -7.87 -6.64 3.67
N GLY A 16 -7.62 -5.33 3.59
CA GLY A 16 -6.51 -4.83 2.78
C GLY A 16 -5.15 -5.37 3.19
N CYS A 17 -4.99 -5.69 4.49
CA CYS A 17 -3.77 -6.36 4.91
C CYS A 17 -3.65 -7.77 4.31
N LEU A 18 -4.73 -8.56 4.37
CA LEU A 18 -4.71 -9.85 3.69
C LEU A 18 -4.46 -9.69 2.20
N VAL A 19 -5.12 -8.72 1.55
CA VAL A 19 -4.90 -8.50 0.11
C VAL A 19 -3.44 -8.20 -0.16
N SER A 20 -2.80 -7.38 0.69
CA SER A 20 -1.38 -7.12 0.55
C SER A 20 -0.57 -8.43 0.59
N LEU A 21 -0.86 -9.32 1.53
CA LEU A 21 -0.15 -10.61 1.55
C LEU A 21 -0.34 -11.34 0.24
N ALA A 22 -1.60 -11.41 -0.21
CA ALA A 22 -1.92 -12.07 -1.47
C ALA A 22 -1.25 -11.41 -2.66
N ASP A 23 -0.94 -10.11 -2.57
CA ASP A 23 -0.35 -9.43 -3.72
C ASP A 23 1.14 -9.77 -3.89
N ASN A 24 1.67 -10.71 -3.09
CA ASN A 24 2.96 -11.34 -3.42
C ASN A 24 2.83 -12.37 -4.54
N ASN A 25 1.60 -12.65 -5.00
CA ASN A 25 1.37 -13.41 -6.25
C ASN A 25 2.02 -14.79 -6.12
N LEU A 26 2.79 -15.25 -7.11
CA LEU A 26 3.43 -16.56 -7.02
C LEU A 26 4.40 -16.65 -5.85
N GLY A 27 4.81 -15.51 -5.27
CA GLY A 27 5.60 -15.56 -4.04
C GLY A 27 4.87 -16.23 -2.89
N LEU A 28 3.59 -15.87 -2.70
CA LEU A 28 2.78 -16.46 -1.63
C LEU A 28 2.58 -17.96 -1.85
N ILE A 29 2.23 -18.33 -3.08
CA ILE A 29 2.05 -19.75 -3.42
C ILE A 29 3.34 -20.53 -3.14
N LYS A 30 4.50 -19.93 -3.47
CA LYS A 30 5.79 -20.56 -3.17
C LYS A 30 6.00 -20.77 -1.66
N ILE A 31 5.69 -19.76 -0.85
CA ILE A 31 5.76 -19.87 0.60
C ILE A 31 4.78 -20.93 1.12
N LEU A 32 3.54 -20.94 0.62
CA LEU A 32 2.58 -21.95 1.07
C LEU A 32 2.98 -23.34 0.59
N ASP A 33 3.59 -23.43 -0.58
CA ASP A 33 4.07 -24.72 -1.10
C ASP A 33 5.18 -25.31 -0.22
N ASP A 34 6.14 -24.49 0.21
CA ASP A 34 7.40 -25.02 0.69
C ASP A 34 7.74 -24.71 2.15
N TYR A 35 7.17 -23.67 2.73
CA TYR A 35 7.62 -23.21 4.04
C TYR A 35 6.52 -23.09 5.07
N ALA A 36 5.25 -22.99 4.67
CA ALA A 36 4.23 -22.67 5.66
C ALA A 36 2.90 -23.26 5.24
N ASP A 37 2.13 -23.67 6.25
CA ASP A 37 0.77 -24.14 6.09
C ASP A 37 -0.16 -23.09 6.68
N LEU A 38 -1.10 -22.60 5.86
CA LEU A 38 -2.14 -21.70 6.36
C LEU A 38 -3.19 -22.51 7.12
N VAL A 39 -3.15 -22.43 8.45
CA VAL A 39 -4.03 -23.27 9.25
C VAL A 39 -5.35 -22.59 9.56
N TYR A 40 -5.47 -21.29 9.32
CA TYR A 40 -6.67 -20.55 9.71
C TYR A 40 -6.68 -19.22 8.97
N CYS A 41 -7.81 -18.88 8.34
CA CYS A 41 -8.06 -17.62 7.62
C CYS A 41 -9.50 -17.67 7.12
N LEU A 42 -10.40 -16.93 7.79
CA LEU A 42 -11.83 -17.03 7.49
C LEU A 42 -12.12 -16.62 6.06
N THR A 43 -11.28 -15.74 5.50
CA THR A 43 -11.52 -15.25 4.16
C THR A 43 -11.25 -16.32 3.12
N LEU A 44 -10.30 -17.23 3.40
CA LEU A 44 -9.79 -18.16 2.39
C LEU A 44 -10.12 -19.63 2.66
N ALA A 45 -10.52 -19.98 3.88
CA ALA A 45 -10.61 -21.38 4.27
C ALA A 45 -11.67 -21.56 5.34
N ASP A 46 -12.08 -22.81 5.55
CA ASP A 46 -13.29 -23.10 6.34
C ASP A 46 -13.00 -23.50 7.80
N VAL A 47 -11.75 -23.36 8.27
CA VAL A 47 -11.49 -23.62 9.68
C VAL A 47 -12.19 -22.52 10.48
N ARG A 48 -13.19 -22.91 11.28
CA ARG A 48 -14.07 -21.94 11.94
C ARG A 48 -13.49 -21.35 13.22
N HIS A 49 -12.61 -22.06 13.93
CA HIS A 49 -12.14 -21.63 15.26
C HIS A 49 -10.65 -21.52 15.23
N ILE A 50 -10.13 -20.66 16.10
CA ILE A 50 -8.69 -20.32 16.06
C ILE A 50 -7.90 -21.54 16.51
N PRO A 51 -7.02 -22.11 15.66
CA PRO A 51 -6.22 -23.27 16.08
C PRO A 51 -4.85 -22.82 16.59
N GLU A 52 -3.96 -23.74 16.95
CA GLU A 52 -2.61 -23.36 17.34
C GLU A 52 -1.82 -22.87 16.13
N MET A 53 -1.01 -21.84 16.32
CA MET A 53 -0.21 -21.30 15.22
C MET A 53 1.20 -21.03 15.69
N ASP A 54 2.19 -21.26 14.81
CA ASP A 54 3.52 -20.70 15.02
C ASP A 54 3.51 -19.18 14.86
N VAL A 55 2.88 -18.68 13.79
CA VAL A 55 2.79 -17.26 13.47
C VAL A 55 1.33 -16.90 13.21
N ALA A 56 0.81 -15.96 13.99
CA ALA A 56 -0.48 -15.33 13.77
C ALA A 56 -0.25 -13.93 13.20
N LEU A 57 -0.67 -13.73 11.94
CA LEU A 57 -0.79 -12.42 11.29
C LEU A 57 -2.15 -11.84 11.64
N VAL A 58 -2.16 -10.87 12.57
CA VAL A 58 -3.38 -10.28 13.12
C VAL A 58 -3.56 -8.89 12.52
N GLU A 59 -4.66 -8.70 11.78
CA GLU A 59 -5.01 -7.39 11.22
C GLU A 59 -6.22 -6.80 11.94
N GLY A 60 -6.30 -5.46 11.97
CA GLY A 60 -7.38 -4.77 12.61
C GLY A 60 -7.13 -4.50 14.09
N SER A 61 -7.93 -3.56 14.63
CA SER A 61 -7.93 -3.27 16.05
C SER A 61 -9.08 -4.02 16.74
N VAL A 62 -9.24 -3.78 18.05
CA VAL A 62 -10.18 -4.52 18.89
C VAL A 62 -11.27 -3.57 19.39
N CYS A 63 -12.52 -3.90 19.11
CA CYS A 63 -13.62 -3.11 19.65
C CYS A 63 -13.92 -3.61 21.05
N LEU A 64 -13.70 -2.74 22.07
CA LEU A 64 -13.80 -3.14 23.48
C LEU A 64 -15.21 -3.56 23.86
N GLN A 65 -16.22 -3.05 23.17
CA GLN A 65 -17.59 -3.39 23.46
C GLN A 65 -18.11 -4.56 22.61
N ASP A 66 -17.22 -5.28 21.91
CA ASP A 66 -17.63 -6.49 21.19
C ASP A 66 -16.96 -7.71 21.84
N HIS A 67 -17.77 -8.45 22.62
CA HIS A 67 -17.26 -9.54 23.45
C HIS A 67 -16.48 -10.58 22.64
N GLU A 68 -17.03 -11.01 21.50
CA GLU A 68 -16.35 -12.04 20.72
C GLU A 68 -14.99 -11.55 20.23
N SER A 69 -14.88 -10.27 19.89
CA SER A 69 -13.60 -9.71 19.46
C SER A 69 -12.56 -9.79 20.57
N VAL A 70 -12.93 -9.35 21.78
CA VAL A 70 -12.00 -9.40 22.92
C VAL A 70 -11.55 -10.83 23.16
N GLU A 71 -12.49 -11.77 23.16
CA GLU A 71 -12.15 -13.19 23.30
C GLU A 71 -11.22 -13.66 22.18
N ASP A 72 -11.53 -13.27 20.91
CA ASP A 72 -10.65 -13.69 19.80
C ASP A 72 -9.21 -13.26 20.01
N ILE A 73 -8.97 -11.99 20.42
CA ILE A 73 -7.57 -11.52 20.48
C ILE A 73 -6.85 -12.16 21.68
N LYS A 74 -7.54 -12.40 22.79
CA LYS A 74 -6.94 -13.19 23.89
C LYS A 74 -6.68 -14.65 23.47
N GLU A 75 -7.67 -15.29 22.83
CA GLU A 75 -7.47 -16.65 22.35
C GLU A 75 -6.28 -16.73 21.41
N THR A 76 -6.06 -15.67 20.60
CA THR A 76 -4.96 -15.66 19.64
C THR A 76 -3.61 -15.65 20.34
N ARG A 77 -3.45 -14.79 21.36
CA ARG A 77 -2.21 -14.80 22.14
C ARG A 77 -1.99 -16.18 22.74
N LYS A 78 -3.05 -16.76 23.31
CA LYS A 78 -2.95 -18.07 23.94
C LYS A 78 -2.54 -19.17 22.95
N LYS A 79 -2.93 -19.06 21.67
CA LYS A 79 -2.73 -20.11 20.67
C LYS A 79 -1.48 -19.95 19.83
N SER A 80 -0.71 -18.86 20.00
CA SER A 80 0.33 -18.50 19.04
C SER A 80 1.72 -18.37 19.67
N LYS A 81 2.71 -18.99 19.03
N LYS A 81 2.73 -18.96 19.02
CA LYS A 81 4.10 -18.75 19.41
CA LYS A 81 4.10 -18.72 19.45
C LYS A 81 4.47 -17.28 19.18
C LYS A 81 4.52 -17.28 19.17
N ILE A 82 4.26 -16.79 17.96
CA ILE A 82 4.61 -15.42 17.57
C ILE A 82 3.34 -14.70 17.14
N VAL A 83 3.10 -13.56 17.74
CA VAL A 83 1.99 -12.69 17.35
C VAL A 83 2.58 -11.52 16.56
N VAL A 84 2.11 -11.33 15.32
CA VAL A 84 2.48 -10.23 14.45
C VAL A 84 1.28 -9.29 14.33
N ALA A 85 1.45 -8.03 14.74
CA ALA A 85 0.48 -6.98 14.40
C ALA A 85 0.70 -6.65 12.92
N LEU A 86 -0.19 -7.16 12.07
CA LEU A 86 -0.09 -6.96 10.62
C LEU A 86 -0.85 -5.70 10.25
N GLY A 87 -0.14 -4.69 9.74
CA GLY A 87 -0.77 -3.44 9.31
C GLY A 87 -1.02 -2.45 10.43
N SER A 88 -1.27 -1.19 10.00
CA SER A 88 -1.33 -0.05 10.92
C SER A 88 -2.53 -0.09 11.87
N CYS A 89 -3.67 -0.67 11.47
CA CYS A 89 -4.75 -0.81 12.46
C CYS A 89 -4.32 -1.69 13.63
N ALA A 90 -3.73 -2.86 13.34
CA ALA A 90 -3.29 -3.76 14.42
C ALA A 90 -2.18 -3.10 15.27
N CYS A 91 -1.22 -2.42 14.61
CA CYS A 91 -0.09 -1.79 15.31
C CYS A 91 -0.52 -0.59 16.14
N TYR A 92 -1.32 0.30 15.54
CA TYR A 92 -1.45 1.67 16.01
C TYR A 92 -2.89 2.20 16.06
N GLY A 93 -3.89 1.39 15.72
CA GLY A 93 -5.30 1.87 15.69
C GLY A 93 -5.73 2.48 14.35
N ASN A 94 -4.89 3.36 13.77
CA ASN A 94 -5.08 3.88 12.39
C ASN A 94 -6.45 4.55 12.34
N ILE A 95 -7.29 4.30 11.33
CA ILE A 95 -8.53 5.06 11.21
C ILE A 95 -9.49 4.80 12.36
N THR A 96 -9.35 3.66 13.11
CA THR A 96 -10.27 3.37 14.22
C THR A 96 -9.95 4.20 15.48
N ARG A 97 -8.78 4.85 15.55
CA ARG A 97 -8.62 5.94 16.53
C ARG A 97 -9.80 6.93 16.49
N PHE A 98 -10.34 7.20 15.29
CA PHE A 98 -11.41 8.20 15.14
C PHE A 98 -12.80 7.66 15.46
N SER A 99 -12.96 6.35 15.56
CA SER A 99 -14.25 5.77 15.93
C SER A 99 -14.72 6.39 17.23
N ARG A 100 -16.02 6.74 17.27
CA ARG A 100 -16.55 7.29 18.51
C ARG A 100 -18.01 6.87 18.72
N GLY A 101 -18.46 5.80 18.08
CA GLY A 101 -19.78 5.28 18.36
C GLY A 101 -20.85 6.10 17.67
N GLY A 102 -22.11 5.75 17.99
CA GLY A 102 -23.27 6.51 17.60
C GLY A 102 -23.95 6.11 16.30
N GLN A 103 -23.47 5.08 15.61
CA GLN A 103 -23.97 4.70 14.28
C GLN A 103 -24.79 3.40 14.36
N HIS A 104 -25.84 3.29 13.56
CA HIS A 104 -26.61 2.03 13.58
C HIS A 104 -25.75 0.89 13.02
N ASN A 105 -25.99 -0.34 13.47
CA ASN A 105 -27.00 -0.71 14.46
C ASN A 105 -26.34 -1.06 15.82
N GLN A 106 -25.15 -0.53 16.09
CA GLN A 106 -24.50 -0.73 17.38
C GLN A 106 -23.90 0.60 17.80
N PRO A 107 -24.74 1.53 18.28
CA PRO A 107 -24.23 2.87 18.67
C PRO A 107 -23.26 2.82 19.84
N GLN A 108 -23.24 1.71 20.59
CA GLN A 108 -22.35 1.51 21.73
C GLN A 108 -20.97 0.97 21.32
N HIS A 109 -20.81 0.50 20.07
CA HIS A 109 -19.49 0.13 19.55
C HIS A 109 -18.68 1.41 19.33
N GLU A 110 -18.06 1.88 20.42
CA GLU A 110 -17.48 3.21 20.48
C GLU A 110 -15.95 3.23 20.57
N SER A 111 -15.33 2.22 21.20
CA SER A 111 -13.94 2.25 21.65
C SER A 111 -13.14 1.16 20.95
N TYR A 112 -12.05 1.54 20.26
CA TYR A 112 -11.17 0.62 19.54
C TYR A 112 -9.75 0.87 20.00
N LEU A 113 -9.01 -0.22 20.24
CA LEU A 113 -7.61 -0.15 20.62
C LEU A 113 -6.76 -1.08 19.75
N PRO A 114 -5.53 -0.67 19.45
CA PRO A 114 -4.59 -1.60 18.81
C PRO A 114 -4.39 -2.84 19.67
N ILE A 115 -3.99 -3.96 19.01
CA ILE A 115 -4.03 -5.25 19.70
C ILE A 115 -3.02 -5.26 20.86
N GLY A 116 -1.90 -4.55 20.71
CA GLY A 116 -0.86 -4.44 21.72
C GLY A 116 -1.31 -3.84 23.03
N ASP A 117 -2.50 -3.22 23.08
CA ASP A 117 -3.02 -2.73 24.35
C ASP A 117 -3.80 -3.81 25.08
N LEU A 118 -4.05 -4.93 24.43
CA LEU A 118 -4.78 -6.03 25.03
C LEU A 118 -3.94 -7.28 25.23
N ILE A 119 -2.94 -7.51 24.37
CA ILE A 119 -2.05 -8.66 24.44
C ILE A 119 -0.64 -8.17 24.13
N ASP A 120 0.35 -9.02 24.44
CA ASP A 120 1.74 -8.77 24.07
C ASP A 120 1.96 -9.09 22.61
N VAL A 121 2.65 -8.20 21.91
CA VAL A 121 2.89 -8.33 20.47
C VAL A 121 4.38 -8.50 20.25
N ASP A 122 4.74 -9.54 19.50
CA ASP A 122 6.15 -9.82 19.23
C ASP A 122 6.75 -8.97 18.12
N VAL A 123 5.98 -8.66 17.07
CA VAL A 123 6.51 -8.09 15.83
C VAL A 123 5.46 -7.13 15.24
N TYR A 124 5.89 -5.93 14.81
CA TYR A 124 5.03 -5.00 14.09
C TYR A 124 5.33 -5.09 12.60
N ILE A 125 4.29 -5.16 11.77
CA ILE A 125 4.42 -4.81 10.35
C ILE A 125 3.59 -3.56 10.10
N PRO A 126 4.13 -2.35 10.24
CA PRO A 126 3.34 -1.14 10.06
C PRO A 126 3.11 -0.87 8.58
N GLY A 127 2.07 -0.06 8.30
CA GLY A 127 1.71 0.28 6.94
C GLY A 127 0.22 0.22 6.75
N CYS A 128 -0.31 1.17 5.96
CA CYS A 128 -1.69 1.18 5.54
C CYS A 128 -1.77 1.71 4.11
N PRO A 129 -1.75 0.84 3.10
CA PRO A 129 -1.65 -0.61 3.32
C PRO A 129 -0.19 -1.05 3.58
N PRO A 130 0.03 -2.15 4.30
CA PRO A 130 1.39 -2.67 4.48
C PRO A 130 1.97 -3.15 3.14
N SER A 131 3.29 -3.04 2.98
CA SER A 131 3.89 -3.43 1.71
C SER A 131 3.93 -4.97 1.57
N PRO A 132 3.45 -5.52 0.45
CA PRO A 132 3.55 -6.98 0.26
C PRO A 132 4.96 -7.51 0.55
N GLU A 133 5.99 -6.78 0.14
CA GLU A 133 7.38 -7.25 0.28
C GLU A 133 7.76 -7.42 1.74
N LEU A 134 7.28 -6.51 2.60
CA LEU A 134 7.57 -6.59 4.02
C LEU A 134 6.92 -7.82 4.64
N ILE A 135 5.66 -8.08 4.28
CA ILE A 135 4.98 -9.21 4.90
C ILE A 135 5.70 -10.50 4.50
N ARG A 136 6.14 -10.56 3.26
CA ARG A 136 6.90 -11.71 2.70
C ARG A 136 8.24 -11.85 3.43
N ASN A 137 9.00 -10.78 3.57
CA ASN A 137 10.28 -10.87 4.28
C ASN A 137 10.10 -11.40 5.69
N VAL A 138 9.03 -10.96 6.37
CA VAL A 138 8.82 -11.35 7.76
C VAL A 138 8.44 -12.82 7.84
N ALA A 139 7.65 -13.31 6.88
CA ALA A 139 7.25 -14.71 6.86
C ALA A 139 8.44 -15.62 6.59
N VAL A 140 9.23 -15.27 5.57
CA VAL A 140 10.47 -15.99 5.30
C VAL A 140 11.37 -15.97 6.53
N MET A 141 11.64 -14.78 7.08
CA MET A 141 12.57 -14.70 8.21
C MET A 141 12.04 -15.44 9.43
N ALA A 142 10.72 -15.49 9.61
CA ALA A 142 10.17 -16.23 10.74
C ALA A 142 10.38 -17.73 10.56
N TYR A 143 10.22 -18.20 9.32
CA TYR A 143 10.57 -19.56 8.99
C TYR A 143 12.04 -19.85 9.33
N LEU A 144 12.98 -19.03 8.82
CA LEU A 144 14.40 -19.22 9.13
C LEU A 144 14.68 -19.19 10.63
N LEU A 145 13.94 -18.37 11.37
CA LEU A 145 14.13 -18.29 12.80
C LEU A 145 13.76 -19.59 13.48
N LEU A 146 12.88 -20.36 12.87
CA LEU A 146 12.32 -21.52 13.54
C LEU A 146 12.84 -22.84 12.99
N GLU A 147 13.41 -22.84 11.81
CA GLU A 147 13.70 -24.07 11.09
C GLU A 147 15.05 -24.02 10.41
N GLY A 148 15.80 -22.91 10.52
CA GLY A 148 17.04 -22.77 9.79
C GLY A 148 18.26 -23.23 10.58
N ASN A 149 19.41 -23.23 9.91
CA ASN A 149 20.65 -23.43 10.66
C ASN A 149 20.92 -22.19 11.54
N GLU A 150 21.82 -22.33 12.50
CA GLU A 150 21.97 -21.25 13.48
C GLU A 150 22.52 -19.96 12.86
N GLU A 151 23.02 -20.05 11.63
CA GLU A 151 23.55 -18.92 10.86
C GLU A 151 22.35 -18.14 10.31
N GLN A 152 21.34 -18.88 9.85
CA GLN A 152 20.08 -18.32 9.41
C GLN A 152 19.29 -17.73 10.57
N LYS A 153 19.13 -18.49 11.66
CA LYS A 153 18.38 -18.01 12.81
C LYS A 153 19.01 -16.76 13.41
N GLU A 154 20.32 -16.62 13.25
CA GLU A 154 21.00 -15.41 13.68
C GLU A 154 20.66 -14.23 12.78
N LEU A 155 20.68 -14.44 11.45
CA LEU A 155 20.24 -13.43 10.49
C LEU A 155 18.77 -13.06 10.73
N ALA A 156 17.90 -14.05 10.85
CA ALA A 156 16.47 -13.80 11.04
C ALA A 156 16.22 -12.96 12.29
N GLY A 157 16.88 -13.29 13.40
CA GLY A 157 16.70 -12.51 14.61
C GLY A 157 17.20 -11.09 14.47
N LYS A 158 18.28 -10.88 13.72
CA LYS A 158 18.79 -9.54 13.52
C LYS A 158 17.88 -8.73 12.59
N TYR A 159 17.36 -9.38 11.52
CA TYR A 159 16.40 -8.73 10.62
C TYR A 159 15.16 -8.24 11.38
N LEU A 160 14.58 -9.09 12.23
CA LEU A 160 13.30 -8.78 12.86
C LEU A 160 13.43 -7.83 14.03
N LYS A 161 14.65 -7.66 14.57
CA LYS A 161 14.82 -6.89 15.81
C LYS A 161 14.16 -5.52 15.76
N PRO A 162 14.36 -4.69 14.70
CA PRO A 162 13.70 -3.37 14.71
C PRO A 162 12.18 -3.46 14.63
N LEU A 163 11.61 -4.48 13.98
CA LEU A 163 10.16 -4.64 14.01
C LEU A 163 9.70 -5.12 15.38
N MET A 164 10.57 -5.78 16.17
CA MET A 164 10.22 -6.13 17.55
C MET A 164 10.39 -4.92 18.46
N ASP A 165 11.42 -4.12 18.25
CA ASP A 165 11.54 -2.86 18.99
C ASP A 165 10.32 -1.95 18.78
N LEU A 166 9.82 -1.85 17.54
CA LEU A 166 8.61 -1.03 17.30
C LEU A 166 7.45 -1.52 18.16
N ALA A 167 7.30 -2.85 18.28
CA ALA A 167 6.21 -3.39 19.10
C ALA A 167 6.41 -3.08 20.57
N LYS A 168 7.67 -2.95 21.02
CA LYS A 168 7.90 -2.57 22.40
C LYS A 168 7.84 -1.06 22.61
N ARG A 169 8.00 -0.26 21.54
CA ARG A 169 8.00 1.19 21.67
C ARG A 169 6.64 1.74 22.08
N GLY A 170 5.56 1.28 21.44
CA GLY A 170 4.22 1.69 21.86
C GLY A 170 3.18 1.30 20.85
N THR A 171 1.98 1.88 21.01
CA THR A 171 0.85 1.53 20.16
C THR A 171 0.24 2.78 19.49
N SER A 172 1.04 3.84 19.33
CA SER A 172 0.56 5.07 18.73
C SER A 172 1.37 5.36 17.48
N GLY A 173 0.68 5.90 16.45
CA GLY A 173 1.34 6.28 15.21
C GLY A 173 0.72 7.55 14.63
N CYS A 174 1.56 8.48 14.17
CA CYS A 174 1.04 9.78 13.72
C CYS A 174 2.13 10.56 13.00
N PHE A 175 1.72 11.49 12.12
CA PHE A 175 2.68 12.52 11.67
C PHE A 175 3.59 13.02 12.80
N CYS A 176 3.03 13.19 13.99
CA CYS A 176 3.77 13.87 15.04
C CYS A 176 4.95 13.05 15.51
N ASP A 177 4.98 11.73 15.18
CA ASP A 177 6.18 10.93 15.42
C ASP A 177 7.42 11.64 14.90
N LEU A 178 7.33 12.20 13.68
CA LEU A 178 8.49 12.82 13.06
C LEU A 178 8.92 14.08 13.82
N MET A 179 7.98 14.76 14.47
CA MET A 179 8.36 15.88 15.34
C MET A 179 8.96 15.36 16.64
N TYR A 180 8.15 14.70 17.46
CA TYR A 180 8.53 14.13 18.75
C TYR A 180 9.90 13.46 18.71
N ASP A 181 10.09 12.49 17.82
CA ASP A 181 11.21 11.56 17.91
C ASP A 181 12.27 11.71 16.83
N VAL A 182 12.10 12.64 15.87
CA VAL A 182 13.13 12.83 14.86
C VAL A 182 13.56 14.30 14.83
N ILE A 183 12.71 15.21 14.30
CA ILE A 183 13.09 16.62 14.24
C ILE A 183 13.43 17.15 15.64
N ASN A 184 12.54 16.92 16.62
CA ASN A 184 12.74 17.49 17.97
C ASN A 184 13.94 16.87 18.68
N GLN A 185 14.39 15.68 18.24
CA GLN A 185 15.58 14.95 18.72
C GLN A 185 16.89 15.36 18.05
N GLY A 186 16.86 16.29 17.08
CA GLY A 186 18.08 16.59 16.34
C GLY A 186 18.52 15.52 15.36
N LEU A 187 17.62 14.64 14.90
CA LEU A 187 18.00 13.60 13.97
C LEU A 187 17.54 13.80 12.52
N CYS A 188 16.71 14.80 12.20
CA CYS A 188 16.19 14.89 10.84
C CYS A 188 17.28 15.42 9.92
N MET A 189 17.44 14.79 8.77
CA MET A 189 18.41 15.31 7.81
C MET A 189 17.80 15.57 6.44
N GLY A 190 16.47 15.71 6.34
CA GLY A 190 15.86 16.30 5.15
C GLY A 190 15.82 15.40 3.93
N CYS A 191 15.94 14.07 4.12
CA CYS A 191 15.98 13.15 2.98
C CYS A 191 14.63 13.10 2.27
N GLY A 192 13.54 13.34 3.00
CA GLY A 192 12.20 13.36 2.41
C GLY A 192 11.54 11.99 2.27
N THR A 193 12.10 10.93 2.88
CA THR A 193 11.52 9.60 2.75
C THR A 193 10.11 9.54 3.33
N CYS A 194 9.86 10.25 4.44
CA CYS A 194 8.55 10.28 5.06
C CYS A 194 7.47 10.73 4.07
N ALA A 195 7.78 11.73 3.24
CA ALA A 195 6.85 12.25 2.25
C ALA A 195 6.50 11.18 1.22
N ALA A 196 7.48 10.37 0.79
CA ALA A 196 7.19 9.28 -0.14
C ALA A 196 6.30 8.19 0.52
N SER A 197 6.55 7.84 1.79
CA SER A 197 5.80 6.75 2.39
C SER A 197 4.35 7.13 2.73
N CYS A 198 4.05 8.41 2.92
CA CYS A 198 2.72 8.77 3.45
C CYS A 198 1.62 8.37 2.44
N PRO A 199 0.64 7.54 2.82
CA PRO A 199 -0.37 7.09 1.83
C PRO A 199 -1.39 8.17 1.44
N VAL A 200 -1.50 9.28 2.16
CA VAL A 200 -2.53 10.26 1.86
C VAL A 200 -1.94 11.63 1.48
N HIS A 201 -0.63 11.71 1.17
CA HIS A 201 0.00 12.98 0.78
C HIS A 201 -0.17 14.07 1.86
N ALA A 202 -0.04 13.70 3.14
CA ALA A 202 -0.15 14.68 4.21
C ALA A 202 1.17 15.39 4.53
N ILE A 203 2.27 14.98 3.89
CA ILE A 203 3.61 15.46 4.23
C ILE A 203 4.22 16.12 2.99
N THR A 204 4.61 17.38 3.17
CA THR A 204 5.44 18.12 2.25
C THR A 204 6.75 18.49 2.96
N LEU A 205 7.76 18.83 2.19
CA LEU A 205 8.98 19.38 2.75
C LEU A 205 9.05 20.86 2.39
N GLU A 206 9.26 21.72 3.39
CA GLU A 206 9.43 23.16 3.23
C GLU A 206 10.83 23.55 3.70
N PHE A 207 11.65 24.03 2.78
CA PHE A 207 13.08 24.27 3.04
C PHE A 207 13.75 23.03 3.64
N GLY A 208 13.42 21.86 3.11
CA GLY A 208 14.12 20.68 3.57
C GLY A 208 13.60 20.09 4.85
N LYS A 209 12.43 20.55 5.34
CA LYS A 209 11.94 20.05 6.62
C LYS A 209 10.47 19.63 6.55
N PRO A 210 10.11 18.50 7.20
CA PRO A 210 8.73 17.99 7.13
C PRO A 210 7.67 18.99 7.58
N GLN A 211 6.58 19.04 6.80
CA GLN A 211 5.40 19.85 7.11
C GLN A 211 4.17 18.93 7.02
N GLY A 212 3.45 18.81 8.14
CA GLY A 212 2.40 17.82 8.26
C GLY A 212 0.99 18.41 8.27
N GLU A 213 0.17 17.96 7.34
CA GLU A 213 -1.25 18.29 7.35
C GLU A 213 -1.94 17.32 8.30
N ARG A 214 -1.96 17.68 9.58
CA ARG A 214 -2.48 16.78 10.63
C ARG A 214 -3.96 16.47 10.45
N ASP A 215 -4.72 17.30 9.75
CA ASP A 215 -6.14 16.95 9.58
C ASP A 215 -6.40 16.10 8.34
N LEU A 216 -5.36 15.73 7.60
CA LEU A 216 -5.37 14.74 6.54
C LEU A 216 -4.80 13.40 7.01
N CYS A 217 -3.75 13.45 7.85
CA CYS A 217 -3.14 12.27 8.46
C CYS A 217 -4.20 11.35 9.10
N ILE A 218 -4.14 10.07 8.71
CA ILE A 218 -4.99 9.00 9.24
C ILE A 218 -4.30 8.16 10.35
N LYS A 219 -3.18 8.64 10.88
CA LYS A 219 -2.50 8.03 12.06
C LYS A 219 -2.10 6.57 11.82
N CYS A 220 -1.37 6.32 10.75
CA CYS A 220 -0.97 4.97 10.40
C CYS A 220 0.45 4.61 10.90
N GLY A 221 1.28 5.59 11.27
CA GLY A 221 2.64 5.30 11.74
C GLY A 221 3.62 4.96 10.65
N SER A 222 3.24 5.07 9.36
CA SER A 222 4.15 4.70 8.29
C SER A 222 5.39 5.59 8.24
N CYS A 223 5.21 6.91 8.43
CA CYS A 223 6.32 7.82 8.13
C CYS A 223 7.48 7.64 9.12
N TYR A 224 7.20 7.51 10.42
CA TYR A 224 8.27 7.20 11.36
C TYR A 224 8.94 5.86 11.04
N GLY A 225 8.13 4.83 10.73
CA GLY A 225 8.68 3.55 10.29
C GLY A 225 9.67 3.68 9.16
N ALA A 226 9.29 4.39 8.10
CA ALA A 226 10.14 4.46 6.92
C ALA A 226 11.33 5.40 7.11
N CYS A 227 11.20 6.38 7.99
CA CYS A 227 12.29 7.34 8.21
C CYS A 227 13.60 6.61 8.53
N PRO A 228 14.70 6.93 7.84
CA PRO A 228 16.01 6.29 8.15
C PRO A 228 16.64 6.79 9.43
N ARG A 229 15.96 7.64 10.21
CA ARG A 229 16.42 8.07 11.53
C ARG A 229 15.46 7.63 12.64
N SER A 230 14.53 6.71 12.34
CA SER A 230 13.84 6.01 13.42
C SER A 230 14.76 4.88 13.88
N PHE A 231 14.70 3.76 13.19
CA PHE A 231 15.69 2.70 13.36
C PHE A 231 16.54 2.67 12.10
N PHE A 232 17.87 2.68 12.27
CA PHE A 232 18.78 2.32 11.19
C PHE A 232 19.77 1.28 11.71
N ASN A 233 19.52 -0.01 11.44
CA ASN A 233 20.35 -1.10 11.97
C ASN A 233 21.44 -1.42 10.95
N LEU A 234 22.62 -0.84 11.17
CA LEU A 234 23.69 -0.93 10.19
C LEU A 234 24.09 -2.38 9.91
N ASP A 235 24.03 -3.28 10.91
CA ASP A 235 24.50 -4.65 10.67
C ASP A 235 23.69 -5.33 9.57
N VAL A 236 22.37 -5.11 9.53
CA VAL A 236 21.53 -5.63 8.46
C VAL A 236 21.62 -4.78 7.19
N ILE A 237 21.37 -3.47 7.30
CA ILE A 237 21.07 -2.67 6.10
C ILE A 237 22.30 -2.53 5.19
N SER A 238 23.52 -2.46 5.78
CA SER A 238 24.71 -2.43 4.95
C SER A 238 24.94 -3.76 4.19
N GLU A 239 24.30 -4.84 4.64
CA GLU A 239 24.35 -6.12 3.92
C GLU A 239 23.18 -6.27 2.97
N PHE A 240 22.73 -5.17 2.35
CA PHE A 240 21.50 -5.23 1.58
C PHE A 240 21.62 -6.17 0.39
N GLU A 241 22.76 -6.16 -0.32
CA GLU A 241 22.91 -6.97 -1.54
C GLU A 241 22.84 -8.45 -1.23
N ASN A 242 23.46 -8.85 -0.11
CA ASN A 242 23.47 -10.22 0.38
C ASN A 242 22.08 -10.67 0.83
N ILE A 243 21.45 -9.90 1.72
CA ILE A 243 20.12 -10.26 2.22
C ILE A 243 19.11 -10.30 1.08
N SER A 244 19.28 -9.41 0.10
CA SER A 244 18.40 -9.46 -1.07
C SER A 244 18.55 -10.79 -1.79
N GLU A 245 19.79 -11.22 -2.06
CA GLU A 245 20.02 -12.48 -2.77
C GLU A 245 19.50 -13.66 -1.97
N ILE A 246 19.64 -13.62 -0.64
CA ILE A 246 19.14 -14.70 0.20
C ILE A 246 17.62 -14.81 0.09
N ILE A 247 16.90 -13.70 0.29
CA ILE A 247 15.44 -13.72 0.16
C ILE A 247 15.04 -14.22 -1.22
N ALA A 248 15.74 -13.76 -2.25
CA ALA A 248 15.33 -14.11 -3.60
C ALA A 248 15.50 -15.60 -3.86
N LYS A 249 16.60 -16.18 -3.36
CA LYS A 249 16.83 -17.61 -3.53
C LYS A 249 15.75 -18.42 -2.83
N ALA A 250 15.30 -17.97 -1.66
CA ALA A 250 14.24 -18.67 -0.95
C ALA A 250 12.92 -18.64 -1.71
N LEU A 251 12.77 -17.74 -2.68
CA LEU A 251 11.54 -17.72 -3.44
C LEU A 251 11.70 -18.32 -4.83
N LYS A 252 12.92 -18.69 -5.23
CA LYS A 252 13.20 -19.12 -6.60
C LYS A 252 12.71 -20.55 -6.85
N ASP A 253 12.30 -20.80 -8.10
CA ASP A 253 11.94 -22.14 -8.56
C ASP A 253 13.16 -22.87 -9.07
N THR B 1 -40.16 -26.98 12.87
CA THR B 1 -39.10 -25.99 12.76
C THR B 1 -38.01 -26.23 13.80
N LYS B 2 -36.77 -26.30 13.36
CA LYS B 2 -35.66 -26.21 14.28
C LYS B 2 -34.79 -25.02 13.87
N VAL B 3 -33.87 -24.65 14.75
CA VAL B 3 -33.00 -23.50 14.55
C VAL B 3 -31.55 -23.97 14.61
N VAL B 4 -30.84 -23.85 13.47
CA VAL B 4 -29.41 -24.09 13.34
C VAL B 4 -28.70 -22.77 12.98
N GLU B 5 -27.44 -22.64 13.42
CA GLU B 5 -26.68 -21.42 13.19
C GLU B 5 -25.24 -21.70 12.78
N ILE B 6 -24.80 -21.13 11.64
CA ILE B 6 -23.40 -21.17 11.22
C ILE B 6 -22.75 -19.85 11.63
N SER B 7 -21.76 -19.91 12.51
CA SER B 7 -21.04 -18.69 12.91
C SER B 7 -19.60 -19.10 13.20
N PRO B 8 -18.58 -18.48 12.53
CA PRO B 8 -18.68 -17.49 11.47
C PRO B 8 -18.89 -18.13 10.08
N THR B 9 -19.39 -17.34 9.10
CA THR B 9 -19.30 -17.69 7.68
C THR B 9 -17.84 -17.66 7.22
N THR B 10 -17.56 -18.29 6.08
CA THR B 10 -16.19 -18.31 5.56
C THR B 10 -16.22 -18.16 4.05
N ARG B 11 -15.02 -17.91 3.52
CA ARG B 11 -14.81 -17.62 2.10
C ARG B 11 -15.78 -16.53 1.60
N LEU B 12 -15.67 -15.42 2.29
CA LEU B 12 -16.26 -14.09 2.04
C LEU B 12 -15.46 -13.07 2.85
N GLU B 13 -15.64 -11.78 2.58
CA GLU B 13 -14.86 -10.78 3.33
C GLU B 13 -15.56 -10.48 4.66
N GLY B 14 -14.78 -10.43 5.76
CA GLY B 14 -15.35 -9.97 7.03
C GLY B 14 -16.24 -11.00 7.75
N HIS B 15 -16.94 -10.51 8.80
CA HIS B 15 -17.46 -11.34 9.89
C HIS B 15 -18.98 -11.34 9.89
N SER B 16 -19.60 -12.47 9.51
CA SER B 16 -21.06 -12.59 9.61
C SER B 16 -21.44 -14.00 10.09
N LYS B 17 -22.76 -14.24 10.26
CA LYS B 17 -23.28 -15.57 10.63
C LYS B 17 -24.66 -15.77 10.01
N LEU B 18 -25.09 -17.04 9.95
CA LEU B 18 -26.38 -17.46 9.41
C LEU B 18 -27.22 -18.08 10.52
N THR B 19 -28.36 -17.47 10.84
CA THR B 19 -29.27 -17.97 11.89
C THR B 19 -30.54 -18.43 11.18
N LEU B 20 -30.76 -19.76 11.14
CA LEU B 20 -31.65 -20.40 10.17
C LEU B 20 -32.73 -21.25 10.88
N LYS B 21 -34.00 -21.01 10.54
CA LYS B 21 -35.09 -21.90 10.90
C LYS B 21 -35.27 -22.83 9.73
N VAL B 22 -35.29 -24.15 10.02
CA VAL B 22 -35.37 -25.20 9.02
C VAL B 22 -36.55 -26.13 9.34
N ASN B 23 -37.12 -26.73 8.27
CA ASN B 23 -38.23 -27.66 8.38
C ASN B 23 -37.68 -29.04 8.78
N ASP B 24 -38.56 -30.04 8.83
CA ASP B 24 -38.15 -31.39 9.22
C ASP B 24 -37.12 -32.01 8.27
N GLN B 25 -37.01 -31.53 7.03
CA GLN B 25 -36.02 -32.04 6.08
C GLN B 25 -34.72 -31.23 6.13
N GLY B 26 -34.61 -30.24 6.99
CA GLY B 26 -33.43 -29.41 6.96
C GLY B 26 -33.42 -28.33 5.89
N ILE B 27 -34.55 -28.05 5.26
CA ILE B 27 -34.67 -26.97 4.28
C ILE B 27 -35.00 -25.66 5.01
N VAL B 28 -34.27 -24.57 4.70
CA VAL B 28 -34.55 -23.25 5.32
C VAL B 28 -36.00 -22.82 5.03
N GLU B 29 -36.74 -22.53 6.10
CA GLU B 29 -38.06 -21.88 6.03
C GLU B 29 -37.92 -20.35 6.06
N ARG B 30 -37.08 -19.84 6.94
CA ARG B 30 -36.80 -18.41 7.05
C ARG B 30 -35.39 -18.33 7.62
N GLY B 31 -34.44 -17.76 6.89
CA GLY B 31 -33.10 -17.57 7.40
C GLY B 31 -32.73 -16.10 7.41
N ASP B 32 -31.93 -15.72 8.43
CA ASP B 32 -31.30 -14.41 8.53
C ASP B 32 -29.79 -14.56 8.37
N TRP B 33 -29.24 -13.89 7.35
CA TRP B 33 -27.81 -13.62 7.21
C TRP B 33 -27.55 -12.21 7.76
N LEU B 34 -26.64 -12.11 8.74
CA LEU B 34 -26.43 -10.82 9.42
C LEU B 34 -24.96 -10.58 9.71
N SER B 35 -24.58 -9.31 9.62
CA SER B 35 -23.26 -8.83 10.04
C SER B 35 -23.10 -8.93 11.55
N ILE B 36 -21.94 -9.41 12.01
CA ILE B 36 -21.58 -9.28 13.41
C ILE B 36 -20.19 -8.64 13.48
N THR B 37 -19.83 -7.91 12.42
CA THR B 37 -18.61 -7.07 12.40
C THR B 37 -18.82 -5.82 13.26
N PRO B 38 -17.88 -5.46 14.15
CA PRO B 38 -18.11 -4.24 14.97
C PRO B 38 -18.26 -3.00 14.07
N VAL B 39 -19.11 -2.08 14.52
CA VAL B 39 -19.43 -0.83 13.78
C VAL B 39 -18.29 0.15 14.06
N ARG B 40 -17.39 0.29 13.08
CA ARG B 40 -16.35 1.32 13.24
C ARG B 40 -16.94 2.74 13.15
N GLY B 41 -18.11 2.92 12.55
CA GLY B 41 -18.85 4.17 12.63
C GLY B 41 -18.33 5.32 11.76
N ILE B 42 -18.00 5.05 10.49
CA ILE B 42 -17.37 6.06 9.63
C ILE B 42 -18.29 7.26 9.42
N GLU B 43 -19.61 7.04 9.30
CA GLU B 43 -20.52 8.16 9.01
C GLU B 43 -20.56 9.18 10.15
N LYS B 44 -20.54 8.70 11.41
CA LYS B 44 -20.59 9.63 12.55
C LYS B 44 -19.24 10.28 12.81
N LEU B 45 -18.14 9.54 12.67
CA LEU B 45 -16.85 10.18 12.93
C LEU B 45 -16.49 11.20 11.85
N ALA B 46 -17.13 11.10 10.67
CA ALA B 46 -16.90 12.04 9.58
C ALA B 46 -17.33 13.47 9.92
N ILE B 47 -18.27 13.67 10.86
CA ILE B 47 -18.89 14.99 11.07
C ILE B 47 -17.89 15.97 11.68
N GLY B 48 -17.70 17.13 11.02
CA GLY B 48 -16.70 18.13 11.37
C GLY B 48 -15.34 17.93 10.70
N LYS B 49 -15.08 16.76 10.13
CA LYS B 49 -13.77 16.57 9.53
C LYS B 49 -13.71 17.27 8.17
N THR B 50 -12.50 17.41 7.57
CA THR B 50 -12.39 18.11 6.30
C THR B 50 -12.89 17.24 5.16
N MET B 51 -13.38 17.88 4.10
CA MET B 51 -13.84 17.11 2.94
C MET B 51 -12.68 16.38 2.26
N GLU B 52 -11.43 16.84 2.45
CA GLU B 52 -10.27 16.13 1.93
C GLU B 52 -9.98 14.87 2.75
N GLN B 53 -10.20 14.91 4.07
CA GLN B 53 -9.86 13.73 4.86
C GLN B 53 -10.90 12.60 4.74
N VAL B 54 -12.19 12.93 4.75
CA VAL B 54 -13.22 11.91 4.85
C VAL B 54 -13.08 10.86 3.76
N PRO B 55 -12.82 11.18 2.48
CA PRO B 55 -12.68 10.08 1.49
C PRO B 55 -11.53 9.12 1.78
N LYS B 56 -10.43 9.65 2.33
CA LYS B 56 -9.30 8.77 2.62
C LYS B 56 -9.56 7.91 3.85
N ILE B 57 -10.39 8.38 4.79
CA ILE B 57 -10.85 7.50 5.89
C ILE B 57 -11.84 6.46 5.36
N ALA B 58 -12.82 6.90 4.58
CA ALA B 58 -13.79 6.00 3.99
C ALA B 58 -13.11 4.91 3.14
N SER B 59 -11.97 5.20 2.52
CA SER B 59 -11.26 4.16 1.79
C SER B 59 -10.97 2.97 2.67
N ARG B 60 -10.59 3.24 3.93
CA ARG B 60 -10.19 2.19 4.87
C ARG B 60 -11.37 1.41 5.43
N VAL B 61 -12.58 1.64 4.89
CA VAL B 61 -13.68 0.73 5.16
C VAL B 61 -13.37 -0.68 4.65
N CYS B 62 -12.65 -0.78 3.51
CA CYS B 62 -12.49 -2.07 2.83
C CYS B 62 -11.26 -2.05 1.93
N GLY B 63 -10.42 -3.08 2.07
CA GLY B 63 -9.20 -3.18 1.27
C GLY B 63 -9.34 -3.91 -0.06
N ILE B 64 -10.50 -4.49 -0.32
CA ILE B 64 -10.78 -5.12 -1.61
C ILE B 64 -11.37 -4.11 -2.58
N CYS B 65 -12.28 -3.29 -2.10
CA CYS B 65 -12.92 -2.27 -2.92
C CYS B 65 -12.62 -0.84 -2.45
N PRO B 66 -11.37 -0.48 -2.09
CA PRO B 66 -11.15 0.89 -1.58
C PRO B 66 -11.39 1.93 -2.66
N ILE B 67 -11.19 1.55 -3.93
CA ILE B 67 -11.50 2.42 -5.04
C ILE B 67 -12.94 2.90 -4.94
N ALA B 68 -13.86 1.99 -4.59
CA ALA B 68 -15.29 2.36 -4.57
C ALA B 68 -15.58 3.46 -3.55
N HIS B 69 -15.03 3.35 -2.33
CA HIS B 69 -15.30 4.35 -1.31
C HIS B 69 -14.50 5.64 -1.56
N THR B 70 -13.27 5.53 -2.07
CA THR B 70 -12.48 6.72 -2.37
C THR B 70 -13.20 7.57 -3.41
N LEU B 71 -13.67 6.94 -4.50
CA LEU B 71 -14.34 7.69 -5.56
C LEU B 71 -15.75 8.15 -5.14
N ALA B 72 -16.59 7.27 -4.56
CA ALA B 72 -17.94 7.69 -4.17
C ALA B 72 -17.90 8.83 -3.13
N SER B 73 -17.01 8.73 -2.15
CA SER B 73 -16.86 9.79 -1.15
C SER B 73 -16.38 11.09 -1.78
N THR B 74 -15.30 11.05 -2.58
CA THR B 74 -14.79 12.25 -3.23
C THR B 74 -15.86 12.90 -4.11
N GLU B 75 -16.57 12.08 -4.88
CA GLU B 75 -17.56 12.62 -5.80
C GLU B 75 -18.82 13.06 -5.07
N ALA B 76 -19.08 12.53 -3.86
CA ALA B 76 -20.15 13.13 -3.06
C ALA B 76 -19.76 14.54 -2.58
N MET B 77 -18.50 14.72 -2.17
CA MET B 77 -18.02 16.07 -1.79
C MET B 77 -18.12 17.00 -3.00
N GLU B 78 -17.64 16.54 -4.15
CA GLU B 78 -17.67 17.36 -5.36
C GLU B 78 -19.11 17.71 -5.75
N ALA B 79 -20.05 16.76 -5.57
CA ALA B 79 -21.46 17.04 -5.88
C ALA B 79 -22.06 18.05 -4.90
N SER B 80 -21.70 17.95 -3.60
CA SER B 80 -22.26 18.89 -2.61
C SER B 80 -21.76 20.31 -2.83
N ILE B 81 -20.49 20.48 -3.25
CA ILE B 81 -19.91 21.81 -3.42
C ILE B 81 -20.06 22.34 -4.84
N GLY B 82 -20.50 21.52 -5.79
CA GLY B 82 -20.64 21.99 -7.16
C GLY B 82 -19.31 22.10 -7.91
N CYS B 83 -18.42 21.11 -7.77
CA CYS B 83 -17.11 21.14 -8.41
C CYS B 83 -17.12 20.19 -9.60
N GLU B 84 -16.81 20.72 -10.78
CA GLU B 84 -16.72 19.93 -11.99
C GLU B 84 -15.25 19.61 -12.30
N ILE B 85 -14.89 18.32 -12.29
CA ILE B 85 -13.49 17.95 -12.48
C ILE B 85 -13.08 17.88 -13.97
N PRO B 86 -11.78 17.99 -14.30
CA PRO B 86 -11.36 17.97 -15.72
C PRO B 86 -11.51 16.60 -16.35
N THR B 87 -11.65 16.61 -17.68
N THR B 87 -11.62 16.60 -17.68
CA THR B 87 -11.85 15.39 -18.44
CA THR B 87 -11.87 15.33 -18.38
C THR B 87 -10.78 14.33 -18.12
C THR B 87 -10.78 14.31 -18.13
N ASP B 88 -9.51 14.73 -18.11
CA ASP B 88 -8.45 13.73 -17.96
C ASP B 88 -8.40 13.16 -16.54
N ALA B 89 -8.85 13.93 -15.54
CA ALA B 89 -9.07 13.38 -14.21
C ALA B 89 -10.14 12.29 -14.27
N LYS B 90 -11.28 12.57 -14.95
CA LYS B 90 -12.33 11.56 -15.05
C LYS B 90 -11.83 10.29 -15.73
N LEU B 91 -11.05 10.43 -16.83
CA LEU B 91 -10.57 9.25 -17.55
C LEU B 91 -9.71 8.40 -16.64
N LEU B 92 -8.84 9.04 -15.85
CA LEU B 92 -7.96 8.29 -14.95
C LEU B 92 -8.77 7.59 -13.86
N ARG B 93 -9.84 8.23 -13.36
CA ARG B 93 -10.67 7.59 -12.35
C ARG B 93 -11.38 6.35 -12.92
N ILE B 94 -11.78 6.42 -14.18
CA ILE B 94 -12.48 5.28 -14.82
C ILE B 94 -11.51 4.11 -15.01
N ILE B 95 -10.27 4.40 -15.44
CA ILE B 95 -9.22 3.38 -15.57
C ILE B 95 -8.97 2.70 -14.22
N LEU B 96 -8.82 3.51 -13.17
CA LEU B 96 -8.69 3.01 -11.79
C LEU B 96 -9.86 2.09 -11.42
N HIS B 97 -11.09 2.57 -11.67
CA HIS B 97 -12.32 1.83 -11.37
C HIS B 97 -12.38 0.46 -12.08
N ALA B 98 -12.15 0.45 -13.41
CA ALA B 98 -12.24 -0.79 -14.19
C ALA B 98 -11.19 -1.80 -13.77
N ALA B 99 -9.95 -1.35 -13.60
CA ALA B 99 -8.88 -2.19 -13.09
C ALA B 99 -9.26 -2.88 -11.77
N ASN B 100 -9.81 -2.11 -10.82
CA ASN B 100 -10.13 -2.70 -9.53
C ASN B 100 -11.23 -3.75 -9.68
N ARG B 101 -12.20 -3.53 -10.58
CA ARG B 101 -13.24 -4.51 -10.77
C ARG B 101 -12.64 -5.86 -11.20
N ILE B 102 -11.61 -5.82 -12.05
CA ILE B 102 -10.93 -7.04 -12.49
C ILE B 102 -10.32 -7.78 -11.30
N HIS B 103 -9.54 -7.07 -10.48
CA HIS B 103 -8.89 -7.71 -9.34
C HIS B 103 -9.91 -8.28 -8.36
N SER B 104 -11.04 -7.59 -8.17
CA SER B 104 -12.03 -8.06 -7.18
C SER B 104 -12.76 -9.30 -7.69
N HIS B 105 -13.19 -9.31 -8.94
CA HIS B 105 -13.93 -10.46 -9.47
C HIS B 105 -13.04 -11.68 -9.49
N ALA B 106 -11.73 -11.48 -9.78
CA ALA B 106 -10.75 -12.56 -9.82
C ALA B 106 -10.46 -13.10 -8.42
N LEU B 107 -10.32 -12.21 -7.43
CA LEU B 107 -10.26 -12.65 -6.03
C LEU B 107 -11.48 -13.49 -5.64
N HIS B 108 -12.68 -13.07 -6.07
CA HIS B 108 -13.86 -13.84 -5.70
C HIS B 108 -13.86 -15.23 -6.36
N ASN B 109 -13.24 -15.39 -7.56
CA ASN B 109 -13.04 -16.73 -8.15
C ASN B 109 -12.33 -17.65 -7.16
N ILE B 110 -11.34 -17.12 -6.43
CA ILE B 110 -10.60 -17.92 -5.45
C ILE B 110 -11.52 -18.35 -4.31
N LEU B 111 -12.43 -17.47 -3.90
CA LEU B 111 -13.28 -17.77 -2.75
C LEU B 111 -14.37 -18.80 -3.05
N ILE B 112 -14.86 -18.87 -4.30
CA ILE B 112 -16.03 -19.68 -4.60
C ILE B 112 -15.69 -21.04 -5.23
N LEU B 113 -14.57 -21.14 -5.93
CA LEU B 113 -14.19 -22.40 -6.58
C LEU B 113 -14.12 -23.61 -5.64
N PRO B 114 -13.70 -23.52 -4.37
CA PRO B 114 -13.72 -24.72 -3.50
C PRO B 114 -15.11 -25.36 -3.35
N ASP B 115 -16.19 -24.62 -3.65
CA ASP B 115 -17.53 -25.21 -3.67
C ASP B 115 -17.87 -25.85 -5.00
N PHE B 116 -17.04 -25.65 -6.03
CA PHE B 116 -17.37 -26.06 -7.39
C PHE B 116 -16.55 -27.29 -7.78
N TYR B 117 -17.02 -27.97 -8.81
CA TYR B 117 -16.51 -29.27 -9.22
C TYR B 117 -15.72 -29.14 -10.50
N ILE B 118 -14.58 -29.84 -10.56
CA ILE B 118 -13.93 -30.04 -11.87
C ILE B 118 -14.96 -30.69 -12.79
N PRO B 119 -15.28 -30.07 -13.93
CA PRO B 119 -16.47 -30.49 -14.67
C PRO B 119 -16.43 -31.97 -15.07
N GLY B 120 -17.61 -32.59 -15.07
CA GLY B 120 -17.72 -34.01 -15.33
C GLY B 120 -17.11 -34.92 -14.28
N THR B 121 -16.70 -34.41 -13.12
CA THR B 121 -16.13 -35.24 -12.07
C THR B 121 -16.79 -34.96 -10.72
N GLU B 122 -16.35 -35.73 -9.73
CA GLU B 122 -16.76 -35.60 -8.34
C GLU B 122 -15.64 -35.02 -7.49
N LYS B 123 -14.65 -34.40 -8.12
CA LYS B 123 -13.59 -33.75 -7.37
C LYS B 123 -13.84 -32.25 -7.37
N LYS B 124 -13.76 -31.64 -6.19
CA LYS B 124 -13.90 -30.19 -6.00
C LYS B 124 -12.53 -29.51 -6.12
N PHE B 125 -12.53 -28.26 -6.60
CA PHE B 125 -11.26 -27.53 -6.71
C PHE B 125 -10.66 -27.31 -5.33
N ASN B 126 -9.39 -27.67 -5.19
CA ASN B 126 -8.58 -27.30 -4.03
C ASN B 126 -7.44 -26.44 -4.59
N LEU B 127 -7.56 -25.11 -4.44
CA LEU B 127 -6.64 -24.17 -5.08
C LEU B 127 -5.30 -24.06 -4.35
N PHE B 128 -5.27 -24.40 -3.06
CA PHE B 128 -4.00 -24.53 -2.36
C PHE B 128 -3.10 -25.59 -3.02
N ALA B 129 -3.71 -26.66 -3.54
CA ALA B 129 -2.94 -27.85 -3.88
C ALA B 129 -2.10 -27.61 -5.11
N ASN B 130 -0.85 -28.07 -5.04
CA ASN B 130 0.08 -28.01 -6.17
C ASN B 130 -0.13 -29.21 -7.09
N GLU B 131 -1.28 -29.19 -7.78
CA GLU B 131 -1.69 -30.23 -8.71
C GLU B 131 -2.52 -29.57 -9.80
N GLN B 132 -2.60 -30.27 -11.00
CA GLN B 132 -3.45 -29.74 -12.06
C GLN B 132 -4.88 -30.29 -11.96
N PRO B 133 -5.88 -29.55 -12.49
CA PRO B 133 -5.74 -28.24 -13.15
C PRO B 133 -5.70 -27.02 -12.21
N ALA B 134 -5.84 -27.20 -10.90
CA ALA B 134 -5.91 -26.06 -9.98
C ALA B 134 -4.72 -25.12 -10.14
N ARG B 135 -3.51 -25.68 -10.26
CA ARG B 135 -2.34 -24.80 -10.23
C ARG B 135 -2.30 -23.89 -11.46
N SER B 136 -2.63 -24.41 -12.64
CA SER B 136 -2.65 -23.52 -13.80
C SER B 136 -3.76 -22.46 -13.71
N VAL B 137 -4.91 -22.80 -13.12
CA VAL B 137 -5.94 -21.80 -12.84
C VAL B 137 -5.43 -20.75 -11.85
N MET B 138 -4.81 -21.19 -10.75
CA MET B 138 -4.23 -20.22 -9.82
C MET B 138 -3.22 -19.32 -10.52
N ALA B 139 -2.35 -19.87 -11.38
CA ALA B 139 -1.34 -19.04 -12.05
C ALA B 139 -1.99 -17.95 -12.89
N ARG B 140 -3.11 -18.25 -13.54
CA ARG B 140 -3.83 -17.28 -14.39
C ARG B 140 -4.49 -16.23 -13.50
N ILE B 141 -5.28 -16.65 -12.54
CA ILE B 141 -5.89 -15.72 -11.59
C ILE B 141 -4.83 -14.78 -10.99
N VAL B 142 -3.68 -15.33 -10.64
CA VAL B 142 -2.68 -14.55 -9.94
C VAL B 142 -2.09 -13.47 -10.87
N ARG B 143 -1.88 -13.81 -12.14
CA ARG B 143 -1.38 -12.80 -13.08
C ARG B 143 -2.45 -11.74 -13.37
N ILE B 144 -3.72 -12.16 -13.48
CA ILE B 144 -4.82 -11.21 -13.67
C ILE B 144 -4.85 -10.18 -12.53
N ARG B 145 -4.84 -10.64 -11.28
CA ARG B 145 -4.88 -9.72 -10.14
C ARG B 145 -3.64 -8.83 -10.12
N GLU B 146 -2.47 -9.40 -10.46
CA GLU B 146 -1.25 -8.59 -10.48
C GLU B 146 -1.36 -7.45 -11.51
N ILE B 147 -1.77 -7.78 -12.74
CA ILE B 147 -1.99 -6.74 -13.76
C ILE B 147 -2.94 -5.67 -13.21
N ALA B 148 -4.09 -6.11 -12.67
CA ALA B 148 -5.12 -5.19 -12.23
C ALA B 148 -4.57 -4.26 -11.14
N GLN B 149 -3.91 -4.83 -10.10
CA GLN B 149 -3.34 -3.98 -9.07
C GLN B 149 -2.30 -3.03 -9.66
N THR B 150 -1.58 -3.46 -10.68
CA THR B 150 -0.54 -2.60 -11.21
C THR B 150 -1.17 -1.40 -11.90
N ILE B 151 -2.21 -1.64 -12.70
CA ILE B 151 -2.87 -0.54 -13.38
C ILE B 151 -3.49 0.39 -12.35
N ALA B 152 -4.06 -0.19 -11.30
CA ALA B 152 -4.68 0.61 -10.27
C ALA B 152 -3.64 1.50 -9.63
N ALA B 153 -2.43 0.95 -9.40
CA ALA B 153 -1.41 1.72 -8.72
C ALA B 153 -0.94 2.88 -9.59
N ILE B 154 -0.84 2.66 -10.91
CA ILE B 154 -0.31 3.69 -11.81
C ILE B 154 -1.31 4.83 -11.99
N ALA B 155 -2.59 4.50 -12.26
CA ALA B 155 -3.62 5.52 -12.46
C ALA B 155 -4.10 6.10 -11.14
N GLY B 156 -4.20 5.29 -10.08
CA GLY B 156 -4.75 5.69 -8.79
C GLY B 156 -3.74 6.03 -7.70
N GLY B 157 -2.44 5.85 -7.94
CA GLY B 157 -1.40 6.14 -6.95
C GLY B 157 -1.10 4.99 -5.99
N GLU B 158 -2.10 4.17 -5.67
CA GLU B 158 -1.89 3.01 -4.80
C GLU B 158 -3.00 2.00 -5.10
N ALA B 159 -2.65 0.69 -5.11
CA ALA B 159 -3.64 -0.31 -5.50
C ALA B 159 -4.68 -0.45 -4.40
N ILE B 160 -4.24 -0.37 -3.16
CA ILE B 160 -5.08 -0.44 -1.96
C ILE B 160 -5.03 0.92 -1.30
N HIS B 161 -6.20 1.61 -1.22
CA HIS B 161 -6.32 2.98 -0.72
C HIS B 161 -5.64 3.96 -1.69
N PRO B 162 -6.22 4.15 -2.89
CA PRO B 162 -5.56 5.00 -3.89
C PRO B 162 -5.39 6.42 -3.36
N SER B 163 -4.17 6.95 -3.55
CA SER B 163 -3.72 8.26 -3.11
C SER B 163 -3.90 9.38 -4.16
N ASN B 164 -4.05 9.05 -5.46
CA ASN B 164 -4.15 10.05 -6.51
C ASN B 164 -5.49 10.81 -6.49
N PRO B 165 -6.63 10.19 -6.18
CA PRO B 165 -7.88 10.98 -6.17
C PRO B 165 -7.83 12.09 -5.12
N ARG B 166 -8.38 13.26 -5.47
CA ARG B 166 -8.53 14.35 -4.52
C ARG B 166 -9.74 15.17 -4.94
N ILE B 167 -10.23 16.02 -4.02
CA ILE B 167 -11.36 16.91 -4.35
C ILE B 167 -10.95 17.78 -5.55
N GLY B 168 -11.71 17.71 -6.63
CA GLY B 168 -11.35 18.51 -7.80
C GLY B 168 -10.66 17.74 -8.92
N GLY B 169 -10.32 16.46 -8.71
CA GLY B 169 -9.71 15.65 -9.74
C GLY B 169 -8.67 14.65 -9.22
N MET B 170 -7.41 14.83 -9.60
CA MET B 170 -6.34 13.93 -9.20
C MET B 170 -5.11 14.75 -8.81
N TYR B 171 -4.22 14.16 -7.99
CA TYR B 171 -2.92 14.81 -7.72
C TYR B 171 -2.03 14.81 -8.97
N HIS B 172 -2.08 13.74 -9.78
CA HIS B 172 -1.12 13.52 -10.86
C HIS B 172 -1.79 13.03 -12.13
N ASN B 173 -1.42 13.59 -13.28
CA ASN B 173 -1.51 12.88 -14.55
C ASN B 173 -0.34 11.90 -14.62
N VAL B 174 -0.37 11.01 -15.62
CA VAL B 174 0.64 9.97 -15.79
C VAL B 174 1.56 10.34 -16.97
N SER B 175 2.72 9.71 -17.03
CA SER B 175 3.69 9.98 -18.09
C SER B 175 3.29 9.27 -19.39
N PRO B 176 3.87 9.69 -20.54
CA PRO B 176 3.68 8.89 -21.77
C PRO B 176 4.09 7.44 -21.57
N ARG B 177 5.16 7.19 -20.79
CA ARG B 177 5.59 5.81 -20.57
C ARG B 177 4.54 5.03 -19.78
N ALA B 178 3.98 5.64 -18.70
CA ALA B 178 2.95 4.97 -17.91
C ALA B 178 1.71 4.65 -18.75
N LYS B 179 1.28 5.59 -19.58
CA LYS B 179 0.15 5.32 -20.47
C LYS B 179 0.43 4.11 -21.36
N GLN B 180 1.64 4.01 -21.96
CA GLN B 180 1.98 2.82 -22.73
C GLN B 180 1.98 1.57 -21.86
N LYS B 181 2.52 1.67 -20.64
CA LYS B 181 2.57 0.50 -19.74
C LYS B 181 1.16 0.02 -19.39
N MET B 182 0.24 0.95 -19.11
CA MET B 182 -1.13 0.51 -18.82
C MET B 182 -1.77 -0.15 -20.04
N ALA B 183 -1.50 0.36 -21.24
CA ALA B 183 -2.06 -0.26 -22.43
C ALA B 183 -1.49 -1.68 -22.62
N ASP B 184 -0.16 -1.83 -22.50
CA ASP B 184 0.49 -3.14 -22.64
C ASP B 184 -0.11 -4.13 -21.67
N LEU B 185 -0.30 -3.71 -20.41
CA LEU B 185 -0.84 -4.63 -19.41
C LEU B 185 -2.30 -5.00 -19.71
N ALA B 186 -3.09 -4.02 -20.15
CA ALA B 186 -4.49 -4.30 -20.45
C ALA B 186 -4.63 -5.24 -21.63
N LYS B 187 -3.75 -5.12 -22.64
CA LYS B 187 -3.76 -6.07 -23.76
C LYS B 187 -3.53 -7.49 -23.26
N GLU B 188 -2.50 -7.67 -22.44
CA GLU B 188 -2.24 -8.95 -21.81
C GLU B 188 -3.44 -9.41 -20.99
N CYS B 189 -4.01 -8.50 -20.20
CA CYS B 189 -5.08 -8.90 -19.30
C CYS B 189 -6.33 -9.36 -20.05
N LEU B 190 -6.58 -8.77 -21.22
CA LEU B 190 -7.81 -9.02 -21.95
C LEU B 190 -7.88 -10.46 -22.41
N VAL B 191 -6.78 -10.96 -22.95
CA VAL B 191 -6.68 -12.38 -23.32
C VAL B 191 -6.89 -13.27 -22.08
N LEU B 192 -6.25 -12.92 -20.94
CA LEU B 192 -6.34 -13.73 -19.73
C LEU B 192 -7.77 -13.76 -19.19
N VAL B 193 -8.46 -12.60 -19.16
CA VAL B 193 -9.79 -12.59 -18.55
C VAL B 193 -10.79 -13.28 -19.45
N HIS B 194 -10.57 -13.24 -20.78
CA HIS B 194 -11.41 -14.04 -21.68
C HIS B 194 -11.27 -15.53 -21.37
N GLU B 195 -10.03 -16.02 -21.21
CA GLU B 195 -9.80 -17.41 -20.78
C GLU B 195 -10.43 -17.70 -19.41
N GLN B 196 -10.13 -16.88 -18.40
CA GLN B 196 -10.70 -17.14 -17.07
C GLN B 196 -12.22 -17.13 -17.11
N MET B 197 -12.79 -16.21 -17.90
CA MET B 197 -14.24 -16.10 -17.98
C MET B 197 -14.85 -17.38 -18.56
N GLU B 198 -14.29 -17.86 -19.68
CA GLU B 198 -14.80 -19.09 -20.29
C GLU B 198 -14.66 -20.27 -19.34
N PHE B 199 -13.53 -20.35 -18.64
CA PHE B 199 -13.30 -21.40 -17.65
C PHE B 199 -14.37 -21.37 -16.57
N MET B 200 -14.58 -20.20 -15.97
CA MET B 200 -15.59 -20.07 -14.91
C MET B 200 -17.00 -20.39 -15.41
N LEU B 201 -17.37 -19.91 -16.61
CA LEU B 201 -18.71 -20.20 -17.13
C LEU B 201 -18.91 -21.69 -17.34
N ASP B 202 -17.88 -22.39 -17.82
N ASP B 202 -17.88 -22.39 -17.83
CA ASP B 202 -17.96 -23.85 -17.96
CA ASP B 202 -17.97 -23.85 -17.96
C ASP B 202 -18.15 -24.50 -16.59
C ASP B 202 -18.15 -24.50 -16.59
N VAL B 203 -17.38 -24.07 -15.60
CA VAL B 203 -17.53 -24.65 -14.27
C VAL B 203 -18.94 -24.40 -13.72
N ILE B 204 -19.47 -23.19 -13.91
CA ILE B 204 -20.81 -22.88 -13.38
C ILE B 204 -21.89 -23.70 -14.10
N ARG B 205 -21.78 -23.81 -15.44
CA ARG B 205 -22.73 -24.61 -16.21
C ARG B 205 -22.75 -26.05 -15.72
N ASN B 206 -21.56 -26.63 -15.44
CA ASN B 206 -21.50 -27.97 -14.86
C ASN B 206 -22.24 -28.04 -13.51
N MET B 207 -22.04 -27.02 -12.65
CA MET B 207 -22.79 -26.95 -11.39
C MET B 207 -24.30 -26.97 -11.63
N GLN B 208 -24.76 -26.24 -12.65
CA GLN B 208 -26.19 -26.18 -12.93
C GLN B 208 -26.72 -27.51 -13.40
N ASN B 209 -25.84 -28.39 -13.86
CA ASN B 209 -26.28 -29.71 -14.30
C ASN B 209 -26.16 -30.78 -13.22
N ARG B 210 -25.60 -30.46 -12.06
CA ARG B 210 -25.49 -31.39 -10.95
C ARG B 210 -26.80 -31.49 -10.17
N GLU B 211 -27.00 -32.65 -9.53
CA GLU B 211 -28.18 -32.89 -8.70
C GLU B 211 -27.88 -32.75 -7.22
N PHE B 212 -26.61 -32.86 -6.84
CA PHE B 212 -26.22 -32.78 -5.45
C PHE B 212 -24.79 -32.26 -5.39
N VAL B 213 -24.39 -31.83 -4.19
CA VAL B 213 -23.00 -31.52 -3.88
C VAL B 213 -22.70 -32.19 -2.54
N GLU B 214 -21.42 -32.42 -2.27
CA GLU B 214 -20.96 -33.05 -1.05
C GLU B 214 -20.52 -32.00 -0.02
N VAL B 215 -21.08 -32.07 1.19
CA VAL B 215 -20.71 -31.19 2.31
C VAL B 215 -20.48 -32.08 3.52
N GLY B 216 -19.27 -32.04 4.08
CA GLY B 216 -18.99 -32.84 5.26
C GLY B 216 -19.28 -34.32 5.07
N GLY B 217 -18.94 -34.86 3.90
CA GLY B 217 -19.16 -36.24 3.59
C GLY B 217 -20.57 -36.64 3.21
N LYS B 218 -21.56 -35.74 3.30
CA LYS B 218 -22.94 -36.07 2.97
C LYS B 218 -23.34 -35.50 1.62
N GLN B 219 -24.29 -36.17 0.96
CA GLN B 219 -24.84 -35.63 -0.27
C GLN B 219 -25.91 -34.61 0.09
N ILE B 220 -25.76 -33.38 -0.40
CA ILE B 220 -26.75 -32.33 -0.17
C ILE B 220 -27.44 -32.07 -1.51
N PRO B 221 -28.77 -32.26 -1.63
CA PRO B 221 -29.44 -31.99 -2.93
C PRO B 221 -29.30 -30.52 -3.33
N LEU B 222 -29.27 -30.28 -4.66
CA LEU B 222 -29.18 -28.94 -5.24
C LEU B 222 -30.54 -28.53 -5.79
N PRO B 223 -31.27 -27.65 -5.11
CA PRO B 223 -32.58 -27.21 -5.65
C PRO B 223 -32.43 -26.56 -7.02
N LYS B 224 -33.44 -26.77 -7.88
CA LYS B 224 -33.42 -26.10 -9.18
C LYS B 224 -33.45 -24.57 -9.04
N LYS B 225 -34.21 -24.04 -8.09
CA LYS B 225 -34.36 -22.60 -7.91
C LYS B 225 -33.53 -22.13 -6.72
N LEU B 226 -32.29 -22.59 -6.61
CA LEU B 226 -31.44 -22.22 -5.50
C LEU B 226 -31.20 -20.72 -5.49
N GLY B 227 -31.46 -20.07 -4.35
CA GLY B 227 -31.17 -18.66 -4.21
C GLY B 227 -32.16 -17.69 -4.87
N TYR B 228 -33.33 -18.17 -5.33
CA TYR B 228 -34.33 -17.29 -5.91
C TYR B 228 -34.93 -16.41 -4.83
N HIS B 229 -35.18 -15.13 -5.18
CA HIS B 229 -35.91 -14.19 -4.33
C HIS B 229 -36.78 -13.28 -5.20
N ASN B 230 -37.68 -12.53 -4.58
CA ASN B 230 -38.60 -11.69 -5.37
C ASN B 230 -38.35 -10.21 -5.13
N GLN B 231 -37.15 -9.82 -4.68
CA GLN B 231 -36.90 -8.41 -4.37
C GLN B 231 -36.53 -7.59 -5.60
N GLY B 232 -36.29 -8.23 -6.74
CA GLY B 232 -35.79 -7.43 -7.86
C GLY B 232 -34.42 -6.81 -7.54
N VAL B 233 -34.04 -5.84 -8.39
CA VAL B 233 -32.66 -5.34 -8.47
C VAL B 233 -32.61 -3.82 -8.61
N MET B 234 -31.41 -3.28 -8.31
CA MET B 234 -31.10 -1.86 -8.41
C MET B 234 -29.69 -1.67 -8.92
N ALA B 235 -29.51 -0.75 -9.89
CA ALA B 235 -28.20 -0.46 -10.44
C ALA B 235 -28.19 0.94 -11.05
N THR B 236 -27.03 1.63 -11.00
CA THR B 236 -26.95 3.02 -11.51
C THR B 236 -26.16 3.16 -12.79
N ALA B 237 -25.38 2.15 -13.17
CA ALA B 237 -24.58 2.20 -14.39
C ALA B 237 -24.06 0.78 -14.66
N PRO B 238 -23.75 0.46 -15.93
CA PRO B 238 -23.15 -0.86 -16.22
C PRO B 238 -21.69 -0.90 -15.82
N MET B 239 -21.01 0.26 -15.86
CA MET B 239 -19.60 0.33 -15.47
C MET B 239 -19.32 1.26 -14.27
N TYR B 240 -19.36 2.61 -14.48
CA TYR B 240 -18.81 3.55 -13.47
C TYR B 240 -19.81 3.99 -12.38
N GLY B 241 -20.79 4.83 -12.73
CA GLY B 241 -21.67 5.33 -11.69
C GLY B 241 -22.43 6.58 -12.17
N SER B 242 -22.78 7.43 -11.19
CA SER B 242 -23.66 8.58 -11.44
C SER B 242 -23.56 9.48 -10.21
N SER B 243 -23.87 10.76 -10.39
CA SER B 243 -23.88 11.66 -9.22
C SER B 243 -24.94 12.73 -9.39
N SER B 244 -25.27 13.42 -8.29
CA SER B 244 -26.28 14.47 -8.37
C SER B 244 -25.83 15.67 -9.25
N LEU B 245 -24.58 15.74 -9.69
CA LEU B 245 -24.15 16.73 -10.67
C LEU B 245 -24.68 16.44 -12.07
N ASP B 246 -25.16 15.22 -12.34
CA ASP B 246 -25.47 14.84 -13.70
C ASP B 246 -26.77 15.51 -14.16
N ASP B 247 -26.88 15.75 -15.48
CA ASP B 247 -28.13 16.31 -15.99
C ASP B 247 -29.31 15.40 -15.66
N ASN B 248 -29.11 14.08 -15.81
CA ASN B 248 -30.16 13.09 -15.55
C ASN B 248 -29.55 11.98 -14.69
N PRO B 249 -29.47 12.18 -13.38
CA PRO B 249 -28.91 11.13 -12.51
C PRO B 249 -29.69 9.83 -12.65
N THR B 250 -28.99 8.70 -12.49
CA THR B 250 -29.62 7.39 -12.65
C THR B 250 -29.91 6.68 -11.32
N TRP B 251 -30.03 7.44 -10.23
CA TRP B 251 -30.44 6.95 -8.93
C TRP B 251 -31.34 8.00 -8.33
N ASP B 252 -32.36 7.57 -7.61
CA ASP B 252 -33.45 8.45 -7.17
C ASP B 252 -33.49 8.45 -5.64
N PHE B 253 -32.97 9.51 -5.02
CA PHE B 253 -32.89 9.46 -3.56
C PHE B 253 -34.25 9.54 -2.87
N THR B 254 -35.29 10.05 -3.57
CA THR B 254 -36.63 9.98 -2.96
C THR B 254 -37.18 8.56 -2.90
N ARG B 255 -36.58 7.59 -3.58
CA ARG B 255 -37.08 6.23 -3.43
C ARG B 255 -36.38 5.43 -2.32
N TRP B 256 -35.40 6.03 -1.64
CA TRP B 256 -34.61 5.29 -0.67
C TRP B 256 -35.12 5.61 0.73
N LYS B 257 -35.09 4.62 1.62
CA LYS B 257 -35.22 4.83 3.05
C LYS B 257 -34.44 3.73 3.79
N GLU B 258 -33.77 4.09 4.89
CA GLU B 258 -32.98 3.15 5.67
C GLU B 258 -33.63 2.97 7.03
N THR B 259 -33.91 1.72 7.38
CA THR B 259 -34.45 1.33 8.67
C THR B 259 -33.35 0.63 9.48
N ARG B 260 -33.63 0.35 10.74
CA ARG B 260 -32.78 -0.57 11.49
C ARG B 260 -33.12 -2.01 11.08
N PRO B 261 -32.27 -3.01 11.46
CA PRO B 261 -32.61 -4.42 11.18
C PRO B 261 -33.98 -4.84 11.70
N TRP B 262 -34.41 -4.22 12.80
CA TRP B 262 -35.76 -4.33 13.35
C TRP B 262 -36.89 -4.71 12.38
N ASP B 263 -37.09 -3.94 11.30
CA ASP B 263 -38.25 -4.10 10.41
C ASP B 263 -38.17 -5.38 9.59
N TRP B 264 -36.99 -5.96 9.42
CA TRP B 264 -36.76 -6.98 8.41
C TRP B 264 -36.17 -8.30 8.96
N TYR B 265 -35.66 -8.33 10.19
CA TYR B 265 -34.94 -9.46 10.77
C TYR B 265 -35.77 -10.12 11.86
N MET B 266 -35.48 -11.40 12.11
CA MET B 266 -36.12 -12.13 13.20
C MET B 266 -35.64 -11.65 14.57
N GLY B 267 -36.52 -11.81 15.55
CA GLY B 267 -36.19 -11.56 16.96
C GLY B 267 -35.50 -12.73 17.62
N GLU B 268 -35.61 -12.78 18.95
CA GLU B 268 -34.86 -13.77 19.71
C GLU B 268 -35.26 -15.21 19.37
N VAL B 269 -34.26 -16.08 19.17
CA VAL B 269 -34.48 -17.52 18.99
C VAL B 269 -33.41 -18.29 19.78
N THR B 270 -33.61 -19.60 19.91
CA THR B 270 -32.63 -20.45 20.59
C THR B 270 -32.25 -21.61 19.68
N ILE B 271 -30.95 -21.83 19.54
CA ILE B 271 -30.48 -22.88 18.67
C ILE B 271 -30.83 -24.23 19.31
N ASP B 272 -31.54 -25.07 18.57
CA ASP B 272 -31.84 -26.41 19.04
C ASP B 272 -31.37 -27.49 18.07
N LEU B 273 -30.64 -27.13 17.01
CA LEU B 273 -30.07 -28.10 16.08
C LEU B 273 -28.59 -27.78 15.85
N GLU B 274 -27.72 -28.75 16.07
CA GLU B 274 -26.29 -28.51 15.96
C GLU B 274 -25.64 -29.63 15.19
N ASP B 275 -24.70 -29.31 14.31
CA ASP B 275 -23.95 -30.31 13.54
C ASP B 275 -22.45 -30.11 13.77
N PRO B 276 -21.83 -30.85 14.71
CA PRO B 276 -20.39 -30.69 14.99
C PRO B 276 -19.49 -31.09 13.83
N SER B 277 -20.03 -31.75 12.82
CA SER B 277 -19.25 -32.19 11.67
C SER B 277 -19.20 -31.16 10.55
N TYR B 278 -19.92 -30.05 10.67
CA TYR B 278 -19.93 -29.06 9.61
C TYR B 278 -18.51 -28.56 9.41
N PRO B 279 -17.97 -28.62 8.21
CA PRO B 279 -16.54 -28.31 7.99
C PRO B 279 -16.24 -26.83 8.19
N ILE B 280 -15.23 -26.50 9.00
CA ILE B 280 -14.44 -27.40 9.84
C ILE B 280 -14.49 -26.81 11.24
N GLY B 281 -15.30 -27.42 12.12
CA GLY B 281 -15.46 -26.91 13.47
C GLY B 281 -16.91 -26.92 13.93
N GLY B 282 -17.84 -27.28 13.05
CA GLY B 282 -19.24 -27.42 13.45
C GLY B 282 -19.99 -26.08 13.48
N THR B 283 -21.20 -26.12 14.05
CA THR B 283 -22.18 -25.05 14.09
C THR B 283 -22.35 -24.60 15.55
N THR B 284 -23.20 -23.61 15.78
CA THR B 284 -23.38 -23.03 17.12
C THR B 284 -23.96 -24.07 18.09
N LYS B 285 -23.45 -24.10 19.33
CA LYS B 285 -23.90 -25.08 20.33
C LYS B 285 -25.40 -24.97 20.59
N VAL B 286 -26.04 -26.13 20.80
CA VAL B 286 -27.45 -26.16 21.19
C VAL B 286 -27.61 -25.35 22.47
N GLY B 287 -28.73 -24.62 22.60
CA GLY B 287 -28.94 -23.78 23.75
C GLY B 287 -28.50 -22.31 23.61
N THR B 288 -27.63 -22.00 22.65
CA THR B 288 -27.26 -20.60 22.42
C THR B 288 -28.48 -19.75 22.04
N LYS B 289 -28.61 -18.57 22.69
CA LYS B 289 -29.60 -17.58 22.27
C LYS B 289 -29.02 -16.71 21.17
N ALA B 290 -29.86 -16.38 20.19
CA ALA B 290 -29.51 -15.44 19.12
C ALA B 290 -30.68 -14.48 18.92
N ASN B 291 -30.38 -13.28 18.42
CA ASN B 291 -31.42 -12.28 18.17
C ASN B 291 -30.98 -11.41 16.98
N PRO B 292 -31.32 -11.82 15.74
CA PRO B 292 -30.83 -11.07 14.57
C PRO B 292 -31.17 -9.58 14.60
N GLN B 293 -32.37 -9.19 15.02
CA GLN B 293 -32.70 -7.76 15.09
C GLN B 293 -31.67 -6.99 15.90
N MET B 294 -31.18 -7.58 17.00
CA MET B 294 -30.32 -6.86 17.92
C MET B 294 -28.85 -7.11 17.66
N GLU B 295 -28.50 -8.29 17.14
CA GLU B 295 -27.09 -8.62 16.89
C GLU B 295 -26.61 -8.10 15.53
N SER B 296 -27.52 -8.02 14.56
CA SER B 296 -27.15 -7.51 13.23
C SER B 296 -26.42 -6.17 13.37
N CYS B 297 -25.27 -6.05 12.71
CA CYS B 297 -24.55 -4.79 12.83
C CYS B 297 -24.90 -3.71 11.76
N THR B 298 -25.71 -4.00 10.74
CA THR B 298 -25.91 -3.04 9.66
C THR B 298 -27.23 -2.28 9.81
N GLY B 299 -27.38 -1.18 9.04
CA GLY B 299 -28.71 -0.65 8.76
C GLY B 299 -29.28 -1.39 7.57
N VAL B 300 -30.56 -1.18 7.27
CA VAL B 300 -31.17 -1.83 6.12
C VAL B 300 -31.68 -0.75 5.17
N PRO B 301 -30.94 -0.43 4.13
CA PRO B 301 -31.49 0.45 3.10
C PRO B 301 -32.53 -0.30 2.27
N THR B 302 -33.56 0.44 1.86
CA THR B 302 -34.61 -0.08 1.00
C THR B 302 -34.81 0.90 -0.17
N TYR B 303 -35.44 0.36 -1.22
CA TYR B 303 -35.79 1.08 -2.44
C TYR B 303 -37.23 0.70 -2.72
N ASP B 304 -38.09 1.72 -2.81
CA ASP B 304 -39.55 1.56 -2.84
C ASP B 304 -40.04 0.70 -1.67
N GLY B 305 -39.44 0.92 -0.48
CA GLY B 305 -39.91 0.29 0.75
C GLY B 305 -39.50 -1.16 0.97
N GLN B 306 -38.66 -1.73 0.08
CA GLN B 306 -38.26 -3.13 0.11
C GLN B 306 -36.75 -3.27 -0.10
N PRO B 307 -36.12 -4.23 0.57
CA PRO B 307 -34.76 -4.65 0.16
C PRO B 307 -34.67 -4.95 -1.33
N VAL B 308 -33.48 -4.70 -1.91
CA VAL B 308 -33.17 -5.02 -3.31
C VAL B 308 -31.82 -5.74 -3.40
N GLU B 309 -31.61 -6.42 -4.53
CA GLU B 309 -30.34 -7.01 -4.88
C GLU B 309 -29.49 -6.00 -5.66
N VAL B 310 -28.19 -5.88 -5.31
CA VAL B 310 -27.27 -5.08 -6.12
C VAL B 310 -26.11 -5.96 -6.53
N GLY B 311 -25.36 -5.49 -7.53
CA GLY B 311 -24.17 -6.18 -7.98
C GLY B 311 -24.21 -6.51 -9.46
N PRO B 312 -23.30 -7.39 -9.92
CA PRO B 312 -23.21 -7.65 -11.37
C PRO B 312 -24.55 -8.08 -12.00
N ARG B 313 -25.27 -9.03 -11.40
CA ARG B 313 -26.55 -9.42 -12.01
C ARG B 313 -27.51 -8.24 -12.02
N ALA B 314 -27.50 -7.42 -10.96
CA ALA B 314 -28.39 -6.24 -10.92
C ALA B 314 -28.06 -5.30 -12.08
N ARG B 315 -26.76 -5.16 -12.38
CA ARG B 315 -26.34 -4.25 -13.46
C ARG B 315 -26.76 -4.80 -14.81
N LEU B 316 -26.54 -6.11 -15.05
CA LEU B 316 -26.92 -6.73 -16.34
C LEU B 316 -28.42 -6.80 -16.51
N ALA B 317 -29.15 -7.03 -15.41
CA ALA B 317 -30.61 -7.01 -15.47
C ALA B 317 -31.14 -5.59 -15.78
N THR B 318 -30.62 -4.57 -15.10
CA THR B 318 -31.07 -3.19 -15.33
C THR B 318 -30.73 -2.72 -16.75
N PHE B 319 -29.52 -3.00 -17.22
CA PHE B 319 -29.02 -2.34 -18.44
C PHE B 319 -29.05 -3.22 -19.68
N LYS B 320 -29.24 -4.54 -19.54
CA LYS B 320 -29.43 -5.40 -20.70
C LYS B 320 -30.64 -6.33 -20.56
N ASN B 321 -31.40 -6.19 -19.47
CA ASN B 321 -32.56 -7.05 -19.18
C ASN B 321 -32.15 -8.52 -19.14
N PHE B 322 -30.94 -8.77 -18.64
CA PHE B 322 -30.55 -10.12 -18.25
C PHE B 322 -31.67 -10.77 -17.45
N ASP B 323 -32.02 -11.99 -17.81
CA ASP B 323 -33.27 -12.55 -17.30
C ASP B 323 -33.08 -13.91 -16.63
N GLU B 324 -31.96 -14.13 -15.93
CA GLU B 324 -31.84 -15.30 -15.07
C GLU B 324 -31.61 -14.81 -13.64
N LYS B 325 -32.14 -15.56 -12.68
CA LYS B 325 -32.04 -15.16 -11.29
C LYS B 325 -31.51 -16.33 -10.44
N GLY B 326 -31.08 -15.98 -9.22
CA GLY B 326 -30.59 -16.93 -8.26
C GLY B 326 -29.08 -17.10 -8.27
N THR B 327 -28.65 -18.05 -7.45
CA THR B 327 -27.25 -18.27 -7.16
C THR B 327 -26.39 -18.44 -8.42
N PHE B 328 -26.73 -19.42 -9.28
CA PHE B 328 -25.81 -19.60 -10.40
C PHE B 328 -25.90 -18.45 -11.41
N ALA B 329 -27.09 -17.84 -11.56
CA ALA B 329 -27.25 -16.65 -12.41
C ALA B 329 -26.38 -15.49 -11.91
N GLN B 330 -26.32 -15.27 -10.58
CA GLN B 330 -25.42 -14.25 -10.04
C GLN B 330 -23.96 -14.53 -10.41
N HIS B 331 -23.54 -15.79 -10.28
CA HIS B 331 -22.18 -16.17 -10.62
C HIS B 331 -21.91 -15.89 -12.10
N ILE B 332 -22.87 -16.25 -12.96
CA ILE B 332 -22.69 -16.06 -14.40
C ILE B 332 -22.48 -14.59 -14.73
N ALA B 333 -23.34 -13.73 -14.16
CA ALA B 333 -23.33 -12.32 -14.50
C ALA B 333 -22.02 -11.68 -14.09
N ARG B 334 -21.47 -12.12 -12.97
CA ARG B 334 -20.19 -11.60 -12.51
C ARG B 334 -19.06 -11.94 -13.49
N GLN B 335 -18.99 -13.19 -13.97
CA GLN B 335 -17.90 -13.52 -14.88
C GLN B 335 -18.05 -12.75 -16.18
N MET B 336 -19.29 -12.52 -16.61
CA MET B 336 -19.52 -11.86 -17.90
C MET B 336 -18.99 -10.41 -17.90
N GLU B 337 -18.79 -9.82 -16.71
CA GLU B 337 -18.26 -8.44 -16.59
C GLU B 337 -16.74 -8.32 -16.82
N TYR B 338 -16.02 -9.44 -16.97
CA TYR B 338 -14.57 -9.40 -17.15
C TYR B 338 -14.14 -8.57 -18.37
N PRO B 339 -14.63 -8.83 -19.60
CA PRO B 339 -14.04 -8.13 -20.76
C PRO B 339 -14.30 -6.61 -20.79
N ASP B 340 -15.51 -6.14 -20.42
CA ASP B 340 -15.78 -4.70 -20.40
C ASP B 340 -14.67 -3.93 -19.67
N CYS B 341 -14.12 -4.51 -18.59
CA CYS B 341 -13.10 -3.83 -17.82
C CYS B 341 -11.88 -3.51 -18.68
N CYS B 342 -11.42 -4.50 -19.48
CA CYS B 342 -10.23 -4.30 -20.30
C CYS B 342 -10.51 -3.42 -21.52
N TYR B 343 -11.63 -3.62 -22.24
CA TYR B 343 -11.95 -2.70 -23.34
C TYR B 343 -12.08 -1.25 -22.85
N THR B 344 -12.71 -1.05 -21.68
CA THR B 344 -12.88 0.29 -21.11
C THR B 344 -11.52 0.95 -20.82
N ILE B 345 -10.63 0.22 -20.14
CA ILE B 345 -9.28 0.74 -19.89
C ILE B 345 -8.61 1.18 -21.20
N LEU B 346 -8.63 0.30 -22.20
CA LEU B 346 -7.96 0.63 -23.45
C LEU B 346 -8.61 1.86 -24.12
N ASN B 347 -9.95 1.93 -24.13
N ASN B 347 -9.96 1.91 -24.14
CA ASN B 347 -10.62 3.09 -24.71
CA ASN B 347 -10.68 3.05 -24.69
C ASN B 347 -10.29 4.37 -23.93
C ASN B 347 -10.31 4.33 -23.93
N CYS B 348 -10.30 4.29 -22.59
CA CYS B 348 -9.93 5.45 -21.79
C CYS B 348 -8.48 5.90 -22.04
N LEU B 349 -7.52 4.96 -22.07
CA LEU B 349 -6.13 5.30 -22.40
C LEU B 349 -6.03 5.98 -23.76
N ASP B 350 -6.78 5.46 -24.75
CA ASP B 350 -6.77 6.05 -26.09
C ASP B 350 -7.18 7.51 -26.08
N ASN B 351 -8.08 7.90 -25.17
CA ASN B 351 -8.60 9.26 -25.07
C ASN B 351 -7.85 10.12 -24.06
N LEU B 352 -7.00 9.52 -23.24
CA LEU B 352 -6.32 10.25 -22.18
C LEU B 352 -5.26 11.17 -22.74
N ASN B 353 -5.26 12.43 -22.31
CA ASN B 353 -4.22 13.35 -22.72
C ASN B 353 -3.26 13.49 -21.56
N THR B 354 -2.05 12.93 -21.71
CA THR B 354 -1.11 12.87 -20.58
C THR B 354 -0.56 14.26 -20.21
N SER B 355 -0.75 15.27 -21.08
CA SER B 355 -0.44 16.66 -20.75
C SER B 355 -1.65 17.39 -20.22
N GLY B 356 -2.80 16.73 -20.09
CA GLY B 356 -4.01 17.45 -19.80
C GLY B 356 -4.13 17.77 -18.33
N LYS B 357 -4.94 18.77 -18.04
CA LYS B 357 -5.18 19.18 -16.66
C LYS B 357 -5.93 18.09 -15.86
N VAL B 358 -5.59 17.93 -14.58
CA VAL B 358 -6.21 16.93 -13.71
C VAL B 358 -6.82 17.51 -12.44
N LEU B 359 -6.73 18.83 -12.21
CA LEU B 359 -7.35 19.48 -11.06
C LEU B 359 -8.18 20.67 -11.51
N ALA B 360 -9.44 20.74 -11.05
CA ALA B 360 -10.30 21.88 -11.35
C ALA B 360 -9.60 23.16 -10.87
N ASP B 361 -9.74 24.27 -11.62
CA ASP B 361 -9.07 25.52 -11.24
C ASP B 361 -9.65 26.14 -9.98
N HIS B 362 -10.94 25.90 -9.73
CA HIS B 362 -11.57 26.44 -8.55
C HIS B 362 -12.28 25.34 -7.77
N ILE B 363 -12.01 25.28 -6.48
CA ILE B 363 -12.66 24.30 -5.62
C ILE B 363 -13.52 25.05 -4.61
N PRO B 364 -14.84 25.07 -4.79
CA PRO B 364 -15.69 25.80 -3.86
C PRO B 364 -15.68 25.08 -2.52
N GLN B 365 -16.08 25.80 -1.47
CA GLN B 365 -16.00 25.32 -0.12
C GLN B 365 -17.34 24.81 0.41
N GLY B 366 -18.44 24.99 -0.35
CA GLY B 366 -19.72 24.45 0.06
C GLY B 366 -20.55 25.36 0.96
N ASP B 367 -21.88 25.31 0.80
CA ASP B 367 -22.79 26.08 1.63
C ASP B 367 -23.75 25.20 2.44
N GLY B 368 -23.47 23.90 2.61
CA GLY B 368 -24.40 23.05 3.35
C GLY B 368 -25.39 22.28 2.49
N SER B 369 -25.35 22.47 1.16
CA SER B 369 -26.20 21.76 0.22
C SER B 369 -25.88 20.26 0.20
N MET B 370 -26.91 19.46 -0.04
CA MET B 370 -26.74 18.01 -0.12
C MET B 370 -26.33 17.63 -1.53
N GLY B 371 -25.32 16.78 -1.64
CA GLY B 371 -24.98 16.16 -2.90
C GLY B 371 -24.78 14.67 -2.66
N TRP B 372 -24.81 13.89 -3.73
CA TRP B 372 -24.58 12.44 -3.59
C TRP B 372 -23.85 11.92 -4.83
N ALA B 373 -23.21 10.75 -4.65
CA ALA B 373 -22.49 10.11 -5.74
C ALA B 373 -22.63 8.59 -5.59
N ALA B 374 -22.95 7.92 -6.70
CA ALA B 374 -23.01 6.47 -6.73
C ALA B 374 -21.80 5.96 -7.52
N ASN B 375 -21.10 5.00 -6.93
CA ASN B 375 -20.08 4.23 -7.62
C ASN B 375 -20.57 2.78 -7.73
N GLU B 376 -20.51 2.21 -8.94
CA GLU B 376 -20.85 0.80 -9.15
C GLU B 376 -19.65 -0.05 -8.76
N ALA B 377 -19.50 -0.25 -7.44
CA ALA B 377 -18.41 -1.08 -6.88
C ALA B 377 -18.52 -2.51 -7.42
N PRO B 378 -17.49 -3.34 -7.28
CA PRO B 378 -17.63 -4.71 -7.83
C PRO B 378 -18.85 -5.45 -7.28
N ARG B 379 -19.26 -5.17 -6.04
CA ARG B 379 -20.42 -5.86 -5.45
C ARG B 379 -21.75 -5.15 -5.64
N GLY B 380 -21.77 -3.91 -6.21
CA GLY B 380 -23.03 -3.26 -6.58
C GLY B 380 -23.01 -1.77 -6.21
N SER B 381 -24.19 -1.12 -6.18
CA SER B 381 -24.32 0.35 -6.06
C SER B 381 -23.84 0.81 -4.69
N ASN B 382 -22.81 1.64 -4.69
CA ASN B 382 -22.23 2.21 -3.47
C ASN B 382 -22.53 3.71 -3.49
N ILE B 383 -23.45 4.15 -2.64
CA ILE B 383 -24.00 5.50 -2.66
C ILE B 383 -23.56 6.21 -1.39
N HIS B 384 -22.79 7.28 -1.57
CA HIS B 384 -22.36 8.18 -0.51
C HIS B 384 -23.11 9.53 -0.68
N LEU B 385 -23.59 10.09 0.42
CA LEU B 385 -24.35 11.34 0.42
C LEU B 385 -23.70 12.28 1.44
N ALA B 386 -23.64 13.57 1.14
CA ALA B 386 -22.87 14.48 1.99
C ALA B 386 -23.44 15.91 1.90
N ARG B 387 -23.31 16.65 3.03
CA ARG B 387 -23.47 18.11 3.05
C ARG B 387 -22.14 18.68 3.51
N VAL B 388 -21.48 19.42 2.61
CA VAL B 388 -20.22 20.12 2.91
C VAL B 388 -20.48 21.61 3.08
N LYS B 389 -19.96 22.18 4.17
CA LYS B 389 -20.04 23.62 4.36
C LYS B 389 -18.73 24.13 4.89
N ASP B 390 -18.19 25.17 4.23
CA ASP B 390 -16.89 25.75 4.58
C ASP B 390 -15.80 24.67 4.68
N GLY B 391 -15.79 23.78 3.70
CA GLY B 391 -14.77 22.76 3.60
C GLY B 391 -14.85 21.63 4.60
N LYS B 392 -15.88 21.61 5.46
CA LYS B 392 -16.11 20.57 6.47
C LYS B 392 -17.35 19.75 6.15
N VAL B 393 -17.29 18.47 6.52
CA VAL B 393 -18.44 17.59 6.33
C VAL B 393 -19.43 17.79 7.47
N ARG B 394 -20.63 18.29 7.16
CA ARG B 394 -21.63 18.53 8.19
C ARG B 394 -22.59 17.35 8.35
N TRP B 395 -22.65 16.45 7.36
CA TRP B 395 -23.59 15.34 7.35
C TRP B 395 -23.08 14.35 6.33
N TYR B 396 -23.11 13.06 6.69
CA TYR B 396 -22.51 12.03 5.83
C TYR B 396 -23.30 10.74 5.94
N ASP B 397 -23.49 10.05 4.82
CA ASP B 397 -24.24 8.79 4.87
C ASP B 397 -23.74 7.87 3.77
N MET B 398 -23.69 6.57 4.07
CA MET B 398 -23.10 5.56 3.18
C MET B 398 -24.06 4.37 3.05
N LEU B 399 -24.53 4.11 1.82
CA LEU B 399 -25.37 2.96 1.47
C LEU B 399 -24.54 2.01 0.58
N VAL B 400 -23.93 0.99 1.17
CA VAL B 400 -22.87 0.19 0.57
C VAL B 400 -23.46 -1.11 0.02
N PRO B 401 -22.93 -1.66 -1.10
CA PRO B 401 -23.64 -2.77 -1.77
C PRO B 401 -24.00 -3.90 -0.84
N THR B 402 -23.04 -4.39 -0.03
CA THR B 402 -23.36 -5.56 0.80
C THR B 402 -24.39 -5.17 1.87
N THR B 403 -24.41 -3.91 2.31
CA THR B 403 -25.51 -3.46 3.16
C THR B 403 -26.87 -3.74 2.50
N TRP B 404 -27.01 -3.34 1.24
CA TRP B 404 -28.25 -3.60 0.51
C TRP B 404 -28.52 -5.10 0.39
N ASN B 405 -27.47 -5.89 0.09
CA ASN B 405 -27.68 -7.31 -0.21
C ASN B 405 -27.97 -8.18 1.04
N PHE B 406 -27.59 -7.74 2.23
CA PHE B 406 -27.83 -8.51 3.46
C PHE B 406 -29.30 -8.96 3.64
N PRO B 407 -30.31 -8.07 3.64
CA PRO B 407 -31.68 -8.57 3.80
C PRO B 407 -32.18 -9.32 2.59
N THR B 408 -31.65 -9.03 1.40
CA THR B 408 -32.15 -9.66 0.18
C THR B 408 -31.68 -11.09 0.09
N CYS B 409 -30.40 -11.32 0.32
CA CYS B 409 -29.83 -12.66 0.38
C CYS B 409 -30.51 -13.50 1.46
N SER B 410 -30.85 -12.88 2.60
CA SER B 410 -31.56 -13.60 3.66
C SER B 410 -32.82 -14.23 3.12
N ARG B 411 -33.57 -13.46 2.35
CA ARG B 411 -34.83 -13.93 1.78
C ARG B 411 -34.58 -15.00 0.72
N ALA B 412 -33.46 -14.90 -0.03
CA ALA B 412 -33.09 -15.91 -1.01
C ALA B 412 -32.71 -17.26 -0.38
N LEU B 413 -32.52 -17.29 0.94
CA LEU B 413 -32.15 -18.53 1.62
C LEU B 413 -33.31 -19.53 1.70
N THR B 414 -34.55 -19.06 1.65
CA THR B 414 -35.70 -19.96 1.72
C THR B 414 -35.58 -21.04 0.65
N GLY B 415 -35.77 -22.30 1.03
CA GLY B 415 -35.70 -23.38 0.05
C GLY B 415 -34.34 -24.03 -0.06
N ALA B 416 -33.32 -23.43 0.54
CA ALA B 416 -32.03 -24.09 0.45
C ALA B 416 -31.85 -25.09 1.60
N PRO B 417 -31.27 -26.25 1.34
CA PRO B 417 -30.78 -27.08 2.46
C PRO B 417 -29.78 -26.27 3.28
N TRP B 418 -29.92 -26.28 4.60
CA TRP B 418 -29.12 -25.36 5.40
C TRP B 418 -27.63 -25.57 5.17
N GLN B 419 -27.22 -26.76 4.73
CA GLN B 419 -25.78 -27.03 4.58
C GLN B 419 -25.18 -26.34 3.36
N ILE B 420 -26.00 -25.83 2.43
CA ILE B 420 -25.49 -24.99 1.34
C ILE B 420 -26.06 -23.56 1.39
N ALA B 421 -26.63 -23.15 2.54
CA ALA B 421 -26.93 -21.75 2.75
C ALA B 421 -25.71 -20.87 2.43
N GLU B 422 -24.51 -21.34 2.79
CA GLU B 422 -23.30 -20.56 2.53
C GLU B 422 -23.01 -20.41 1.03
N MET B 423 -23.44 -21.37 0.19
CA MET B 423 -23.29 -21.19 -1.25
C MET B 423 -24.20 -20.09 -1.77
N VAL B 424 -25.43 -19.98 -1.24
CA VAL B 424 -26.33 -18.87 -1.60
C VAL B 424 -25.66 -17.54 -1.27
N VAL B 425 -25.04 -17.46 -0.08
CA VAL B 425 -24.38 -16.25 0.41
C VAL B 425 -23.23 -15.84 -0.50
N ARG B 426 -22.42 -16.80 -0.92
CA ARG B 426 -21.19 -16.49 -1.66
C ARG B 426 -21.46 -15.94 -3.07
N ALA B 427 -22.60 -16.30 -3.67
CA ALA B 427 -22.97 -15.72 -4.96
C ALA B 427 -23.15 -14.20 -4.88
N TYR B 428 -23.39 -13.65 -3.69
CA TYR B 428 -23.43 -12.20 -3.50
C TYR B 428 -22.05 -11.57 -3.37
N ASP B 429 -20.99 -12.37 -3.32
CA ASP B 429 -19.62 -11.87 -3.18
C ASP B 429 -19.56 -10.90 -1.98
N PRO B 430 -19.96 -11.35 -0.78
CA PRO B 430 -20.16 -10.41 0.34
C PRO B 430 -18.88 -9.72 0.79
N CYS B 431 -19.03 -8.44 1.14
CA CYS B 431 -17.99 -7.68 1.82
C CYS B 431 -18.60 -7.10 3.11
N VAL B 432 -18.39 -7.81 4.21
CA VAL B 432 -19.13 -7.47 5.43
C VAL B 432 -18.51 -6.25 6.14
N SER B 433 -17.20 -6.03 6.01
CA SER B 433 -16.62 -4.75 6.46
C SER B 433 -17.22 -3.56 5.70
N CYS B 434 -17.38 -3.66 4.35
CA CYS B 434 -18.16 -2.67 3.59
C CYS B 434 -19.57 -2.47 4.13
N ALA B 435 -20.31 -3.56 4.32
CA ALA B 435 -21.72 -3.41 4.68
C ALA B 435 -21.89 -2.67 6.00
N THR B 436 -20.90 -2.78 6.90
CA THR B 436 -21.00 -2.29 8.27
C THR B 436 -20.41 -0.88 8.42
N HIS B 437 -19.21 -0.66 7.86
N HIS B 437 -19.22 -0.61 7.87
CA HIS B 437 -18.47 0.60 7.92
CA HIS B 437 -18.59 0.73 7.98
C HIS B 437 -18.62 1.34 9.25
C HIS B 437 -18.83 1.50 9.31
N MET C 1 36.86 -8.00 -3.15
CA MET C 1 36.07 -7.09 -2.33
C MET C 1 36.88 -6.56 -1.17
N ILE C 2 37.34 -5.30 -1.25
CA ILE C 2 37.89 -4.64 -0.06
C ILE C 2 36.75 -4.31 0.89
N GLU C 3 36.96 -4.57 2.19
CA GLU C 3 36.04 -4.15 3.25
C GLU C 3 36.76 -3.15 4.15
N ASP C 4 36.76 -1.86 3.78
CA ASP C 4 37.44 -0.79 4.51
C ASP C 4 36.57 -0.27 5.65
N PRO C 5 37.13 -0.09 6.85
CA PRO C 5 36.30 0.33 8.00
C PRO C 5 35.80 1.78 7.92
N TYR C 6 36.36 2.60 7.03
CA TYR C 6 35.92 3.96 6.84
C TYR C 6 35.47 4.27 5.42
N LEU C 7 35.83 3.45 4.43
CA LEU C 7 35.43 3.67 3.06
C LEU C 7 34.41 2.64 2.59
N GLY C 8 33.91 1.83 3.51
CA GLY C 8 32.87 0.82 3.18
C GLY C 8 33.37 -0.30 2.32
N LYS C 9 32.46 -1.05 1.73
CA LYS C 9 32.77 -2.24 0.90
C LYS C 9 32.87 -1.83 -0.58
N TYR C 10 33.94 -2.23 -1.27
CA TYR C 10 34.04 -1.87 -2.70
C TYR C 10 34.94 -2.84 -3.44
N VAL C 11 34.78 -2.91 -4.75
CA VAL C 11 35.57 -3.77 -5.61
C VAL C 11 36.81 -3.05 -6.14
N THR C 12 36.66 -1.86 -6.72
CA THR C 12 37.82 -1.03 -7.03
C THR C 12 37.52 0.45 -6.81
N CYS C 13 38.60 1.22 -6.84
CA CYS C 13 38.58 2.66 -6.68
C CYS C 13 39.53 3.23 -7.73
N VAL C 14 39.00 4.04 -8.64
CA VAL C 14 39.79 4.70 -9.65
C VAL C 14 39.50 6.19 -9.61
N SER C 15 40.33 6.95 -10.32
CA SER C 15 40.14 8.36 -10.55
C SER C 15 39.67 8.51 -11.97
N ALA C 16 38.59 9.27 -12.19
CA ALA C 16 37.93 9.20 -13.49
C ALA C 16 37.30 10.54 -13.84
N ARG C 17 37.05 10.71 -15.14
CA ARG C 17 36.30 11.84 -15.66
C ARG C 17 35.65 11.43 -16.96
N SER C 18 34.46 12.00 -17.20
CA SER C 18 33.69 11.67 -18.38
C SER C 18 34.38 12.20 -19.63
N THR C 19 34.21 11.47 -20.73
CA THR C 19 34.70 11.87 -22.04
C THR C 19 33.69 12.71 -22.79
N ASP C 20 32.53 12.98 -22.19
CA ASP C 20 31.50 13.81 -22.83
C ASP C 20 31.81 15.28 -22.53
N LYS C 21 32.28 16.01 -23.54
CA LYS C 21 32.74 17.39 -23.30
C LYS C 21 31.56 18.32 -23.01
N GLU C 22 30.37 18.02 -23.51
N GLU C 22 30.37 18.01 -23.51
CA GLU C 22 29.20 18.82 -23.14
CA GLU C 22 29.17 18.77 -23.18
C GLU C 22 28.90 18.66 -21.65
C GLU C 22 28.84 18.64 -21.69
N ILE C 23 28.90 17.41 -21.17
CA ILE C 23 28.66 17.19 -19.74
C ILE C 23 29.67 17.96 -18.89
N LEU C 24 30.95 17.92 -19.27
CA LEU C 24 31.99 18.48 -18.41
C LEU C 24 31.90 19.99 -18.32
N LYS C 25 31.25 20.64 -19.27
CA LYS C 25 31.19 22.10 -19.24
C LYS C 25 30.61 22.63 -17.93
N LYS C 26 29.69 21.90 -17.29
CA LYS C 26 29.09 22.41 -16.07
C LYS C 26 29.09 21.42 -14.92
N ALA C 27 29.67 20.23 -15.11
CA ALA C 27 29.85 19.27 -14.02
C ALA C 27 30.65 19.90 -12.87
N GLN C 28 30.31 19.51 -11.63
CA GLN C 28 31.10 19.97 -10.47
C GLN C 28 32.54 19.47 -10.56
N ASP C 29 32.69 18.17 -10.83
CA ASP C 29 34.01 17.56 -10.83
C ASP C 29 34.24 16.86 -12.16
N GLY C 30 34.30 15.53 -12.14
CA GLY C 30 34.50 14.74 -13.32
C GLY C 30 33.26 14.48 -14.15
N GLY C 31 32.08 14.95 -13.69
CA GLY C 31 30.89 14.59 -14.45
C GLY C 31 30.45 13.15 -14.33
N ILE C 32 30.89 12.45 -13.27
CA ILE C 32 30.57 11.04 -13.08
C ILE C 32 29.07 10.85 -12.83
N ALA C 33 28.50 11.61 -11.88
CA ALA C 33 27.08 11.43 -11.54
C ALA C 33 26.17 11.65 -12.75
N THR C 34 26.43 12.70 -13.56
CA THR C 34 25.65 12.95 -14.78
C THR C 34 25.91 11.89 -15.85
N ALA C 35 27.20 11.61 -16.13
CA ALA C 35 27.56 10.66 -17.19
C ALA C 35 27.03 9.25 -16.91
N LEU C 36 27.06 8.84 -15.64
CA LEU C 36 26.58 7.50 -15.32
C LEU C 36 25.06 7.41 -15.53
N MET C 37 24.32 8.47 -15.22
CA MET C 37 22.86 8.39 -15.32
C MET C 37 22.42 8.52 -16.78
N VAL C 38 23.07 9.40 -17.55
CA VAL C 38 22.77 9.52 -18.98
C VAL C 38 23.01 8.18 -19.66
N TYR C 39 24.19 7.59 -19.40
CA TYR C 39 24.55 6.33 -20.02
C TYR C 39 23.59 5.23 -19.61
N ALA C 40 23.23 5.18 -18.32
CA ALA C 40 22.29 4.18 -17.85
C ALA C 40 20.94 4.31 -18.56
N LEU C 41 20.53 5.54 -18.87
CA LEU C 41 19.26 5.78 -19.55
C LEU C 41 19.33 5.34 -20.99
N GLU C 42 20.39 5.77 -21.70
CA GLU C 42 20.49 5.43 -23.11
CA GLU C 42 20.61 5.43 -23.11
C GLU C 42 20.71 3.93 -23.32
N GLU C 43 21.39 3.23 -22.40
CA GLU C 43 21.56 1.79 -22.44
C GLU C 43 20.36 1.01 -21.90
N GLY C 44 19.42 1.67 -21.23
CA GLY C 44 18.29 0.96 -20.69
C GLY C 44 18.46 0.29 -19.34
N PHE C 45 19.55 0.55 -18.61
CA PHE C 45 19.61 0.07 -17.22
C PHE C 45 18.59 0.79 -16.32
N ILE C 46 18.23 2.04 -16.66
CA ILE C 46 17.19 2.80 -15.97
C ILE C 46 16.24 3.34 -17.04
N ASP C 47 14.99 3.62 -16.64
CA ASP C 47 14.11 4.41 -17.49
C ASP C 47 13.80 5.78 -16.90
N GLY C 48 14.36 6.11 -15.73
CA GLY C 48 14.29 7.46 -15.20
C GLY C 48 15.08 7.47 -13.93
N THR C 49 15.41 8.69 -13.47
CA THR C 49 16.24 8.82 -12.29
C THR C 49 15.92 10.11 -11.52
N ILE C 50 16.08 10.03 -10.19
CA ILE C 50 15.85 11.18 -9.32
C ILE C 50 17.15 11.98 -9.23
N VAL C 51 17.07 13.25 -9.62
CA VAL C 51 18.23 14.14 -9.63
C VAL C 51 17.80 15.45 -8.96
N ALA C 52 18.80 16.20 -8.50
CA ALA C 52 18.60 17.51 -7.87
C ALA C 52 18.51 18.58 -8.97
N GLY C 53 17.28 18.86 -9.44
CA GLY C 53 17.07 19.84 -10.49
C GLY C 53 17.11 21.26 -9.94
N GLU C 54 16.86 22.20 -10.84
CA GLU C 54 16.74 23.59 -10.43
C GLU C 54 15.39 23.86 -9.78
N GLY C 55 15.42 24.62 -8.70
CA GLY C 55 14.24 24.97 -7.96
C GLY C 55 13.78 26.38 -8.22
N ASP C 56 13.03 26.91 -7.28
CA ASP C 56 12.36 28.19 -7.45
C ASP C 56 13.13 29.39 -6.92
N LYS C 57 14.17 29.18 -6.10
CA LYS C 57 15.09 30.23 -5.67
C LYS C 57 16.48 29.91 -6.21
N PRO C 58 17.31 30.91 -6.47
CA PRO C 58 18.67 30.63 -6.97
C PRO C 58 19.44 29.75 -5.99
N TRP C 59 20.03 28.66 -6.53
CA TRP C 59 20.92 27.72 -5.82
C TRP C 59 20.15 26.90 -4.80
N GLN C 60 18.82 26.87 -4.90
CA GLN C 60 18.02 25.95 -4.11
C GLN C 60 17.64 24.77 -4.98
N PRO C 61 18.03 23.55 -4.64
CA PRO C 61 17.72 22.40 -5.50
C PRO C 61 16.28 21.97 -5.32
N LYS C 62 15.73 21.36 -6.38
CA LYS C 62 14.41 20.74 -6.32
C LYS C 62 14.48 19.32 -6.89
N PRO C 63 14.22 18.29 -6.09
CA PRO C 63 14.19 16.91 -6.64
C PRO C 63 13.22 16.78 -7.79
N VAL C 64 13.57 15.94 -8.75
CA VAL C 64 12.74 15.73 -9.93
C VAL C 64 13.07 14.39 -10.55
N VAL C 65 12.05 13.75 -11.14
CA VAL C 65 12.23 12.51 -11.87
C VAL C 65 12.54 12.88 -13.30
N ALA C 66 13.81 12.70 -13.69
CA ALA C 66 14.31 13.00 -15.02
C ALA C 66 14.20 11.75 -15.90
N MET C 67 13.74 11.94 -17.13
CA MET C 67 13.56 10.80 -18.04
C MET C 67 14.18 11.02 -19.41
N THR C 68 14.96 12.09 -19.56
CA THR C 68 15.68 12.42 -20.78
C THR C 68 17.10 12.84 -20.42
N ARG C 69 17.98 12.69 -21.39
CA ARG C 69 19.34 13.15 -21.20
C ARG C 69 19.35 14.63 -20.82
N GLU C 70 18.50 15.43 -21.47
CA GLU C 70 18.48 16.87 -21.22
C GLU C 70 18.05 17.18 -19.78
N ASP C 71 17.05 16.49 -19.27
CA ASP C 71 16.65 16.72 -17.89
C ASP C 71 17.71 16.28 -16.91
N ILE C 72 18.50 15.24 -17.24
CA ILE C 72 19.56 14.83 -16.31
C ILE C 72 20.65 15.89 -16.20
N LEU C 73 21.03 16.50 -17.33
CA LEU C 73 22.09 17.50 -17.35
C LEU C 73 21.72 18.78 -16.60
N LYS C 74 20.43 19.07 -16.47
CA LYS C 74 20.03 20.24 -15.70
C LYS C 74 20.42 20.13 -14.25
N ALA C 75 20.65 18.91 -13.75
CA ALA C 75 21.00 18.69 -12.35
C ALA C 75 22.51 18.77 -12.06
N ARG C 76 23.34 19.19 -13.03
CA ARG C 76 24.79 19.26 -12.81
C ARG C 76 25.17 20.31 -11.76
N GLY C 77 26.28 20.06 -11.03
CA GLY C 77 26.81 21.04 -10.07
C GLY C 77 26.24 20.86 -8.67
N THR C 78 27.09 21.13 -7.68
CA THR C 78 26.75 20.88 -6.27
C THR C 78 25.91 22.01 -5.70
N ARG C 79 24.82 21.62 -5.09
CA ARG C 79 23.97 22.57 -4.33
C ARG C 79 24.22 22.23 -2.86
N TYR C 80 24.90 23.10 -2.14
CA TYR C 80 25.18 22.81 -0.74
C TYR C 80 24.02 23.27 0.15
N ASN C 81 22.80 22.79 -0.16
CA ASN C 81 21.73 22.81 0.83
C ASN C 81 20.82 21.62 0.53
N ILE C 82 19.82 21.43 1.39
CA ILE C 82 19.09 20.15 1.42
C ILE C 82 18.22 19.99 0.17
N SER C 83 18.29 18.82 -0.46
CA SER C 83 17.39 18.44 -1.56
C SER C 83 16.73 17.14 -1.17
N PRO C 84 15.43 17.10 -0.84
CA PRO C 84 14.81 15.85 -0.32
C PRO C 84 14.56 14.84 -1.42
N GLN C 85 15.67 14.27 -1.94
CA GLN C 85 15.62 13.40 -3.12
C GLN C 85 14.61 12.28 -2.97
N ILE C 86 14.51 11.69 -1.77
CA ILE C 86 13.74 10.46 -1.63
C ILE C 86 12.24 10.73 -1.67
N SER C 87 11.80 12.01 -1.63
CA SER C 87 10.35 12.26 -1.66
C SER C 87 9.66 11.77 -2.97
N TRP C 88 10.39 11.59 -4.07
CA TRP C 88 9.80 11.09 -5.33
C TRP C 88 10.04 9.59 -5.56
N LEU C 89 10.54 8.86 -4.55
CA LEU C 89 11.00 7.47 -4.77
C LEU C 89 9.83 6.56 -5.13
N LYS C 90 8.73 6.62 -4.37
CA LYS C 90 7.54 5.79 -4.64
C LYS C 90 6.81 6.30 -5.88
N GLU C 91 6.68 7.63 -6.00
CA GLU C 91 5.93 8.20 -7.10
C GLU C 91 6.57 7.83 -8.44
N ALA C 92 7.89 7.72 -8.49
CA ALA C 92 8.53 7.29 -9.71
C ALA C 92 7.94 5.97 -10.24
N THR C 93 7.44 5.10 -9.35
CA THR C 93 6.87 3.82 -9.79
C THR C 93 5.36 3.86 -9.99
N ARG C 94 4.70 5.00 -9.67
CA ARG C 94 3.26 5.16 -9.81
C ARG C 94 2.96 5.94 -11.09
N SER C 95 2.67 7.25 -10.99
CA SER C 95 2.26 8.01 -12.17
C SER C 95 3.35 8.07 -13.25
N PHE C 96 4.62 7.93 -12.87
CA PHE C 96 5.65 7.92 -13.91
C PHE C 96 5.77 6.57 -14.64
N GLY C 97 5.25 5.47 -14.06
CA GLY C 97 5.27 4.17 -14.72
C GLY C 97 6.65 3.58 -14.98
N LEU C 98 7.64 3.96 -14.18
CA LEU C 98 8.99 3.42 -14.34
C LEU C 98 9.07 1.99 -13.82
N ASP C 99 9.83 1.16 -14.56
CA ASP C 99 10.24 -0.17 -14.11
C ASP C 99 11.65 -0.21 -13.53
N LYS C 100 12.50 0.80 -13.82
CA LYS C 100 13.92 0.75 -13.45
C LYS C 100 14.37 2.14 -12.97
N VAL C 101 14.21 2.40 -11.68
CA VAL C 101 14.43 3.71 -11.11
C VAL C 101 15.91 3.91 -10.75
N GLY C 102 16.49 5.00 -11.25
CA GLY C 102 17.74 5.51 -10.71
C GLY C 102 17.55 6.55 -9.62
N VAL C 103 18.49 6.57 -8.67
CA VAL C 103 18.53 7.54 -7.59
C VAL C 103 19.93 8.12 -7.45
N THR C 104 20.02 9.45 -7.40
CA THR C 104 21.26 10.15 -7.05
C THR C 104 21.03 10.89 -5.74
N GLY C 105 22.10 11.06 -4.97
CA GLY C 105 21.98 11.76 -3.71
C GLY C 105 23.22 11.53 -2.86
N VAL C 106 23.17 12.06 -1.65
CA VAL C 106 24.29 11.97 -0.71
C VAL C 106 24.10 10.75 0.20
N CYS C 107 25.02 10.56 1.16
CA CYS C 107 25.14 9.26 1.83
C CYS C 107 23.85 8.85 2.53
N CYS C 108 23.21 9.79 3.28
CA CYS C 108 21.97 9.47 4.00
C CYS C 108 20.82 9.12 3.06
N GLN C 109 20.90 9.62 1.82
CA GLN C 109 19.85 9.33 0.85
C GLN C 109 20.03 7.94 0.26
N MET C 110 21.29 7.51 0.10
CA MET C 110 21.58 6.13 -0.25
C MET C 110 21.09 5.20 0.85
N GLN C 111 21.33 5.55 2.11
CA GLN C 111 20.82 4.77 3.23
C GLN C 111 19.29 4.66 3.20
N ALA C 112 18.60 5.77 2.88
CA ALA C 112 17.14 5.75 2.81
C ALA C 112 16.66 4.73 1.79
N VAL C 113 17.32 4.67 0.62
CA VAL C 113 16.91 3.72 -0.40
C VAL C 113 17.10 2.29 0.08
N ARG C 114 18.23 2.02 0.73
CA ARG C 114 18.51 0.63 1.12
C ARG C 114 17.58 0.20 2.23
N LYS C 115 17.33 1.06 3.22
CA LYS C 115 16.26 0.79 4.18
C LYS C 115 14.91 0.52 3.47
N ALA C 116 14.56 1.32 2.46
CA ALA C 116 13.28 1.07 1.79
C ALA C 116 13.27 -0.29 1.09
N GLN C 117 14.44 -0.72 0.57
CA GLN C 117 14.47 -2.00 -0.15
C GLN C 117 14.29 -3.19 0.80
N LEU C 118 14.80 -3.09 2.03
CA LEU C 118 14.78 -4.19 3.00
C LEU C 118 13.61 -4.11 3.97
N TYR C 119 13.26 -2.89 4.41
CA TYR C 119 12.12 -2.68 5.30
C TYR C 119 11.11 -1.72 4.65
N PRO C 120 10.50 -2.10 3.50
CA PRO C 120 9.47 -1.23 2.88
C PRO C 120 8.27 -0.98 3.81
N ILE C 121 8.11 0.27 4.25
CA ILE C 121 7.03 0.59 5.17
C ILE C 121 6.14 1.60 4.44
N ASN C 122 5.04 1.08 3.88
CA ASN C 122 4.23 1.83 2.93
C ASN C 122 5.08 2.30 1.75
N MET C 123 5.96 1.42 1.25
CA MET C 123 6.79 1.60 0.07
C MET C 123 6.66 0.43 -0.91
N ARG C 124 5.42 0.01 -1.17
CA ARG C 124 5.12 -1.07 -2.11
C ARG C 124 5.70 -0.80 -3.49
N ASP C 125 6.27 -1.86 -4.08
CA ASP C 125 6.83 -1.87 -5.43
C ASP C 125 8.22 -1.22 -5.49
N VAL C 126 8.65 -0.48 -4.46
CA VAL C 126 9.96 0.19 -4.47
C VAL C 126 11.12 -0.80 -4.36
N PRO C 127 11.10 -1.82 -3.48
CA PRO C 127 12.28 -2.72 -3.36
C PRO C 127 12.76 -3.28 -4.69
N GLY C 128 11.84 -3.82 -5.48
CA GLY C 128 12.19 -4.45 -6.74
C GLY C 128 12.34 -3.52 -7.93
N LYS C 129 12.08 -2.22 -7.79
CA LYS C 129 12.15 -1.33 -8.93
C LYS C 129 13.32 -0.36 -8.86
N VAL C 130 13.98 -0.24 -7.70
CA VAL C 130 15.28 0.45 -7.60
C VAL C 130 16.29 -0.30 -8.45
N ALA C 131 16.82 0.35 -9.48
CA ALA C 131 17.70 -0.29 -10.45
C ALA C 131 19.16 0.15 -10.38
N PHE C 132 19.44 1.37 -9.87
CA PHE C 132 20.79 1.96 -9.92
C PHE C 132 20.90 3.17 -9.01
N THR C 133 21.85 3.16 -8.09
CA THR C 133 22.08 4.31 -7.22
C THR C 133 23.51 4.80 -7.38
N VAL C 134 23.67 6.12 -7.53
CA VAL C 134 24.96 6.79 -7.53
C VAL C 134 24.97 7.74 -6.33
N GLY C 135 25.93 7.54 -5.42
CA GLY C 135 26.01 8.29 -4.17
C GLY C 135 27.15 9.29 -4.18
N LEU C 136 26.89 10.51 -3.71
CA LEU C 136 27.93 11.55 -3.64
C LEU C 136 28.63 11.48 -2.28
N PHE C 137 29.94 11.78 -2.26
CA PHE C 137 30.58 12.02 -0.96
C PHE C 137 29.90 13.22 -0.31
N CYS C 138 29.90 13.25 1.02
CA CYS C 138 29.26 14.38 1.70
C CYS C 138 29.79 14.47 3.11
N MET C 139 30.47 15.60 3.43
CA MET C 139 30.96 15.85 4.78
C MET C 139 29.88 16.47 5.65
N GLU C 140 29.09 17.42 5.08
CA GLU C 140 27.97 18.04 5.80
C GLU C 140 27.12 18.90 4.85
N ASN C 141 25.90 19.23 5.29
CA ASN C 141 24.98 20.03 4.48
C ASN C 141 24.42 21.20 5.32
N PHE C 142 23.61 22.05 4.66
CA PHE C 142 23.12 23.31 5.21
C PHE C 142 21.67 23.57 4.83
N SER C 143 20.94 24.28 5.69
CA SER C 143 19.65 24.84 5.27
C SER C 143 19.87 25.90 4.20
N TYR C 144 18.78 26.27 3.52
CA TYR C 144 18.91 27.31 2.50
C TYR C 144 19.27 28.67 3.14
N LYS C 145 18.67 28.98 4.30
CA LYS C 145 19.01 30.22 5.00
C LYS C 145 20.49 30.22 5.41
N SER C 146 21.01 29.07 5.82
CA SER C 146 22.45 28.97 6.08
C SER C 146 23.25 29.31 4.85
N LEU C 147 22.92 28.69 3.70
CA LEU C 147 23.64 28.96 2.48
C LEU C 147 23.54 30.44 2.07
N GLN C 148 22.34 31.05 2.16
CA GLN C 148 22.25 32.49 1.88
C GLN C 148 23.20 33.29 2.77
N SER C 149 23.19 32.98 4.08
CA SER C 149 24.01 33.72 5.03
C SER C 149 25.49 33.62 4.70
N ILE C 150 25.95 32.41 4.36
CA ILE C 150 27.35 32.17 4.01
C ILE C 150 27.73 32.94 2.74
N VAL C 151 26.92 32.79 1.69
CA VAL C 151 27.28 33.38 0.39
C VAL C 151 27.12 34.90 0.43
N GLU C 152 26.01 35.42 0.99
CA GLU C 152 25.72 36.85 0.83
C GLU C 152 26.49 37.71 1.81
N ASP C 153 26.58 37.21 3.06
CA ASP C 153 27.28 37.89 4.13
C ASP C 153 28.77 37.56 4.07
N HIS C 154 29.12 36.32 4.42
CA HIS C 154 30.53 35.96 4.61
C HIS C 154 31.34 36.10 3.33
N ALA C 155 30.79 35.67 2.18
CA ALA C 155 31.51 35.80 0.92
C ALA C 155 31.22 37.12 0.20
N ASN C 156 30.19 37.86 0.67
CA ASN C 156 29.70 39.11 0.08
C ASN C 156 29.34 38.99 -1.41
N GLN C 157 28.65 37.93 -1.80
CA GLN C 157 28.32 37.75 -3.21
C GLN C 157 26.80 37.71 -3.36
N SER C 158 26.35 38.13 -4.53
CA SER C 158 24.94 37.97 -4.88
C SER C 158 24.70 36.56 -5.45
N LEU C 159 23.73 35.86 -4.86
CA LEU C 159 23.38 34.51 -5.32
C LEU C 159 23.08 34.47 -6.81
N GLY C 160 22.46 35.51 -7.35
CA GLY C 160 22.15 35.49 -8.77
C GLY C 160 23.36 35.56 -9.69
N SER C 161 24.55 35.83 -9.15
CA SER C 161 25.76 35.92 -9.94
C SER C 161 26.65 34.68 -9.81
N VAL C 162 26.31 33.74 -8.91
CA VAL C 162 27.20 32.63 -8.61
C VAL C 162 27.07 31.55 -9.69
N LYS C 163 28.23 31.12 -10.22
CA LYS C 163 28.37 30.06 -11.22
C LYS C 163 28.67 28.71 -10.58
N LYS C 164 29.41 28.68 -9.49
CA LYS C 164 29.85 27.43 -8.87
C LYS C 164 30.20 27.75 -7.44
N MET C 165 29.97 26.79 -6.56
CA MET C 165 30.42 26.83 -5.19
C MET C 165 31.23 25.57 -4.94
N GLU C 166 32.20 25.67 -4.01
CA GLU C 166 33.09 24.54 -3.77
C GLU C 166 33.68 24.63 -2.38
N ILE C 167 33.54 23.56 -1.60
CA ILE C 167 34.20 23.40 -0.31
C ILE C 167 35.47 22.58 -0.54
N THR C 168 36.63 23.21 -0.38
CA THR C 168 37.89 22.50 -0.58
C THR C 168 38.98 23.33 0.07
N LYS C 169 40.10 22.67 0.39
CA LYS C 169 41.29 23.34 0.91
C LYS C 169 40.95 24.24 2.10
N GLY C 170 40.07 23.76 3.00
CA GLY C 170 39.68 24.49 4.19
C GLY C 170 38.83 25.74 4.00
N LYS C 171 38.32 25.98 2.81
N LYS C 171 38.32 26.01 2.80
CA LYS C 171 37.54 27.16 2.52
CA LYS C 171 37.55 27.23 2.57
C LYS C 171 36.20 26.77 1.90
C LYS C 171 36.31 26.92 1.73
N PHE C 172 35.25 27.70 1.99
CA PHE C 172 34.04 27.67 1.18
C PHE C 172 34.27 28.66 0.04
N TRP C 173 34.34 28.17 -1.21
CA TRP C 173 34.70 29.00 -2.37
C TRP C 173 33.43 29.39 -3.16
N VAL C 174 33.37 30.65 -3.62
CA VAL C 174 32.26 31.14 -4.46
C VAL C 174 32.84 31.70 -5.77
N TYR C 175 32.44 31.12 -6.90
CA TYR C 175 32.84 31.62 -8.22
C TYR C 175 31.70 32.35 -8.92
N THR C 176 31.95 33.56 -9.39
CA THR C 176 30.88 34.27 -10.08
C THR C 176 30.96 34.14 -11.60
N GLU C 177 29.83 34.40 -12.26
CA GLU C 177 29.77 34.27 -13.71
C GLU C 177 30.68 35.27 -14.41
N ARG C 178 30.88 36.46 -13.83
CA ARG C 178 31.71 37.48 -14.44
C ARG C 178 33.21 37.28 -14.14
N GLY C 179 33.57 36.22 -13.40
CA GLY C 179 34.94 35.81 -13.23
C GLY C 179 35.60 36.10 -11.89
N ASN C 180 34.85 36.47 -10.87
N ASN C 180 34.86 36.52 -10.87
CA ASN C 180 35.43 36.75 -9.56
CA ASN C 180 35.50 36.75 -9.58
C ASN C 180 35.36 35.51 -8.66
C ASN C 180 35.43 35.47 -8.71
N VAL C 181 36.17 35.51 -7.60
CA VAL C 181 36.28 34.38 -6.68
C VAL C 181 36.31 34.94 -5.27
N ALA C 182 35.55 34.34 -4.35
CA ALA C 182 35.56 34.74 -2.97
C ALA C 182 35.65 33.49 -2.13
N THR C 183 36.27 33.59 -0.96
CA THR C 183 36.37 32.45 -0.07
C THR C 183 35.95 32.84 1.34
N VAL C 184 35.59 31.82 2.12
CA VAL C 184 35.17 31.93 3.51
C VAL C 184 35.88 30.82 4.29
N PRO C 185 36.52 31.09 5.41
CA PRO C 185 37.12 29.99 6.19
C PRO C 185 36.03 29.06 6.70
N LEU C 186 36.23 27.74 6.54
CA LEU C 186 35.24 26.76 6.99
C LEU C 186 34.90 26.92 8.46
N LYS C 187 35.83 27.42 9.28
CA LYS C 187 35.52 27.64 10.69
C LYS C 187 34.29 28.56 10.83
N ALA C 188 34.16 29.55 9.94
CA ALA C 188 33.04 30.48 9.99
C ALA C 188 31.70 29.82 9.68
N THR C 189 31.72 28.71 8.92
CA THR C 189 30.49 28.06 8.49
C THR C 189 29.92 27.08 9.52
N HIS C 190 30.68 26.73 10.57
CA HIS C 190 30.28 25.61 11.42
C HIS C 190 28.93 25.84 12.09
N LYS C 191 28.65 27.06 12.59
CA LYS C 191 27.35 27.28 13.23
C LYS C 191 26.18 27.00 12.28
N TYR C 192 26.38 27.09 10.97
CA TYR C 192 25.27 27.01 10.03
C TYR C 192 24.88 25.58 9.63
N GLU C 193 25.66 24.56 10.01
CA GLU C 193 25.47 23.22 9.46
C GLU C 193 24.15 22.62 9.93
N GLN C 194 23.56 21.78 9.10
CA GLN C 194 22.33 21.13 9.52
C GLN C 194 22.62 20.20 10.70
N PRO C 195 21.93 20.36 11.84
CA PRO C 195 22.29 19.58 13.04
C PRO C 195 22.23 18.07 12.85
N GLY C 196 21.27 17.55 12.07
CA GLY C 196 21.14 16.11 11.83
C GLY C 196 22.33 15.48 11.12
N CYS C 197 23.21 16.28 10.53
CA CYS C 197 24.45 15.81 9.91
C CYS C 197 25.48 15.36 10.96
N HIS C 198 25.25 15.69 12.24
CA HIS C 198 26.26 15.50 13.26
C HIS C 198 26.26 14.09 13.86
N VAL C 199 25.28 13.25 13.50
CA VAL C 199 25.22 11.83 13.80
C VAL C 199 25.49 10.97 12.57
N CYS C 200 25.97 11.55 11.48
CA CYS C 200 26.17 10.81 10.23
C CYS C 200 27.54 10.10 10.24
N LEU C 201 27.53 8.80 9.97
CA LEU C 201 28.71 7.94 10.15
C LEU C 201 29.17 7.37 8.81
N ASP C 202 29.02 8.14 7.75
CA ASP C 202 29.12 7.64 6.38
C ASP C 202 29.63 8.79 5.51
N TYR C 203 30.83 8.65 4.96
CA TYR C 203 31.41 9.74 4.19
C TYR C 203 31.34 9.52 2.69
N VAL C 204 31.70 8.32 2.20
CA VAL C 204 31.86 8.13 0.76
C VAL C 204 30.69 7.35 0.18
N SER C 205 29.48 7.56 0.72
CA SER C 205 28.26 6.89 0.24
C SER C 205 28.48 5.37 0.17
N ASN C 206 28.71 4.81 1.37
CA ASN C 206 29.07 3.40 1.51
C ASN C 206 28.05 2.48 0.84
N LEU C 207 26.76 2.85 0.86
CA LEU C 207 25.68 1.96 0.44
C LEU C 207 25.24 2.15 -1.01
N ALA C 208 25.92 2.99 -1.79
CA ALA C 208 25.54 3.18 -3.19
C ALA C 208 26.06 2.04 -4.07
N ASP C 209 25.53 1.96 -5.30
CA ASP C 209 26.11 1.03 -6.28
C ASP C 209 27.44 1.54 -6.75
N ILE C 210 27.50 2.83 -7.10
CA ILE C 210 28.74 3.55 -7.40
C ILE C 210 28.77 4.83 -6.58
N SER C 211 29.92 5.14 -5.98
CA SER C 211 30.07 6.35 -5.19
C SER C 211 31.08 7.27 -5.87
N THR C 212 30.83 8.58 -5.80
CA THR C 212 31.71 9.49 -6.51
C THR C 212 31.83 10.79 -5.72
N GLY C 213 32.99 11.42 -5.85
CA GLY C 213 33.30 12.63 -5.08
C GLY C 213 34.56 13.29 -5.60
N SER C 214 35.00 14.34 -4.89
CA SER C 214 36.11 15.16 -5.36
C SER C 214 37.45 14.85 -4.69
N VAL C 215 37.44 14.64 -3.37
CA VAL C 215 38.66 14.50 -2.60
C VAL C 215 39.47 13.32 -3.11
N GLY C 216 40.80 13.52 -3.17
CA GLY C 216 41.71 12.52 -3.66
C GLY C 216 42.03 12.66 -5.12
N SER C 217 41.36 13.56 -5.83
CA SER C 217 41.59 13.65 -7.26
C SER C 217 41.86 15.11 -7.63
N PRO C 218 42.68 15.33 -8.64
CA PRO C 218 42.90 16.70 -9.12
C PRO C 218 41.60 17.33 -9.63
N ASP C 219 41.64 18.65 -9.78
CA ASP C 219 40.49 19.37 -10.28
C ASP C 219 40.06 18.85 -11.65
N GLY C 220 38.73 18.80 -11.87
CA GLY C 220 38.16 18.24 -13.08
C GLY C 220 38.05 16.72 -13.08
N TRP C 221 38.51 16.07 -12.00
CA TRP C 221 38.50 14.62 -11.87
C TRP C 221 37.72 14.22 -10.63
N SER C 222 37.29 12.96 -10.60
CA SER C 222 36.53 12.43 -9.49
C SER C 222 37.18 11.14 -9.01
N THR C 223 37.08 10.91 -7.70
CA THR C 223 37.39 9.64 -7.11
C THR C 223 36.11 8.81 -7.10
N VAL C 224 36.17 7.59 -7.65
CA VAL C 224 35.00 6.74 -7.85
C VAL C 224 35.21 5.39 -7.16
N PHE C 225 34.24 4.96 -6.35
CA PHE C 225 34.20 3.59 -5.81
C PHE C 225 33.16 2.78 -6.55
N ILE C 226 33.55 1.64 -7.09
CA ILE C 226 32.60 0.68 -7.66
C ILE C 226 32.37 -0.40 -6.63
N ARG C 227 31.12 -0.52 -6.15
CA ARG C 227 30.80 -1.29 -4.97
C ARG C 227 29.97 -2.55 -5.22
N THR C 228 28.82 -2.45 -5.87
CA THR C 228 27.90 -3.59 -5.98
C THR C 228 28.01 -4.26 -7.35
N LYS C 229 27.34 -5.41 -7.46
CA LYS C 229 27.31 -6.09 -8.75
C LYS C 229 26.64 -5.24 -9.82
N VAL C 230 25.49 -4.60 -9.48
CA VAL C 230 24.91 -3.59 -10.35
C VAL C 230 25.97 -2.56 -10.75
N GLY C 231 26.68 -2.03 -9.75
CA GLY C 231 27.63 -0.96 -10.04
C GLY C 231 28.75 -1.42 -10.95
N ASN C 232 29.23 -2.64 -10.74
CA ASN C 232 30.33 -3.14 -11.54
C ASN C 232 29.90 -3.44 -12.98
N GLU C 233 28.71 -4.01 -13.17
CA GLU C 233 28.27 -4.26 -14.53
C GLU C 233 28.19 -2.97 -15.35
N ILE C 234 27.58 -1.92 -14.78
CA ILE C 234 27.37 -0.69 -15.53
C ILE C 234 28.70 0.01 -15.80
N TRP C 235 29.56 0.08 -14.78
CA TRP C 235 30.84 0.77 -14.93
C TRP C 235 31.72 0.08 -15.98
N SER C 236 31.86 -1.26 -15.89
CA SER C 236 32.61 -2.04 -16.89
C SER C 236 32.13 -1.73 -18.29
N LYS C 237 30.81 -1.83 -18.50
CA LYS C 237 30.25 -1.57 -19.83
C LYS C 237 30.54 -0.15 -20.25
N ALA C 238 30.39 0.81 -19.32
CA ALA C 238 30.57 2.20 -19.69
C ALA C 238 32.01 2.45 -20.07
N VAL C 239 32.96 1.92 -19.29
CA VAL C 239 34.36 2.09 -19.64
C VAL C 239 34.65 1.46 -21.00
N ALA C 240 34.24 0.21 -21.19
CA ALA C 240 34.38 -0.45 -22.48
C ALA C 240 33.75 0.36 -23.61
N ASP C 241 32.72 1.16 -23.30
CA ASP C 241 32.05 1.88 -24.35
C ASP C 241 32.67 3.24 -24.63
N GLY C 242 33.75 3.57 -23.93
CA GLY C 242 34.43 4.82 -24.16
C GLY C 242 33.92 5.99 -23.34
N MET C 243 33.08 5.76 -22.34
CA MET C 243 32.42 6.86 -21.64
C MET C 243 33.31 7.56 -20.62
N PHE C 244 34.45 6.99 -20.23
CA PHE C 244 35.23 7.52 -19.11
C PHE C 244 36.73 7.38 -19.34
N GLU C 245 37.51 8.38 -18.92
CA GLU C 245 38.93 8.21 -18.69
C GLU C 245 39.15 7.79 -17.25
N THR C 246 40.09 6.86 -17.02
CA THR C 246 40.38 6.37 -15.69
C THR C 246 41.88 6.35 -15.43
N LYS C 247 42.23 6.28 -14.15
CA LYS C 247 43.58 6.16 -13.65
C LYS C 247 43.37 5.37 -12.37
N PRO C 248 44.14 4.32 -12.10
CA PRO C 248 44.07 3.68 -10.79
C PRO C 248 44.35 4.70 -9.69
N ILE C 249 43.61 4.60 -8.57
CA ILE C 249 43.63 5.69 -7.59
C ILE C 249 45.02 5.82 -6.95
N GLU C 250 45.74 4.72 -6.76
CA GLU C 250 47.04 4.73 -6.10
C GLU C 250 48.14 5.40 -6.93
N GLU C 251 47.89 5.69 -8.22
CA GLU C 251 48.79 6.47 -9.05
C GLU C 251 48.44 7.94 -9.08
N VAL C 252 47.61 8.40 -8.14
CA VAL C 252 46.99 9.72 -8.19
C VAL C 252 47.27 10.44 -6.88
N LYS C 253 47.64 11.70 -6.97
CA LYS C 253 47.78 12.30 -5.67
C LYS C 253 46.65 13.31 -5.42
N PRO C 254 46.20 13.48 -4.15
CA PRO C 254 46.67 12.82 -2.92
C PRO C 254 46.11 11.44 -2.65
N GLY C 255 45.09 11.06 -3.42
CA GLY C 255 44.49 9.78 -3.41
C GLY C 255 43.87 9.30 -2.10
N LEU C 256 43.81 7.97 -2.01
CA LEU C 256 43.05 7.25 -1.00
C LEU C 256 43.57 7.51 0.40
N ASP C 257 44.82 7.97 0.50
CA ASP C 257 45.41 8.21 1.82
C ASP C 257 44.72 9.37 2.52
N LEU C 258 44.65 10.53 1.84
CA LEU C 258 43.91 11.68 2.33
C LEU C 258 42.42 11.33 2.53
N LEU C 259 41.83 10.65 1.55
CA LEU C 259 40.40 10.36 1.61
C LEU C 259 40.06 9.50 2.80
N ARG C 260 40.82 8.41 3.01
CA ARG C 260 40.56 7.55 4.17
C ARG C 260 40.72 8.32 5.48
N LYS C 261 41.61 9.33 5.51
CA LYS C 261 41.81 10.11 6.72
C LYS C 261 40.65 11.07 6.98
N LEU C 262 40.12 11.70 5.93
CA LEU C 262 38.94 12.57 6.12
C LEU C 262 37.72 11.76 6.52
N ALA C 263 37.54 10.57 5.92
CA ALA C 263 36.48 9.68 6.35
C ALA C 263 36.62 9.34 7.82
N LYS C 264 37.85 9.05 8.26
CA LYS C 264 38.05 8.71 9.68
C LYS C 264 37.71 9.89 10.58
N GLN C 265 38.10 11.11 10.21
CA GLN C 265 37.78 12.24 11.08
C GLN C 265 36.26 12.44 11.19
N LYS C 266 35.54 12.33 10.07
CA LYS C 266 34.08 12.44 10.08
C LYS C 266 33.48 11.42 11.05
N ILE C 267 33.77 10.12 10.81
CA ILE C 267 33.17 9.07 11.65
C ILE C 267 33.52 9.25 13.12
N ASP C 268 34.80 9.56 13.42
CA ASP C 268 35.19 9.66 14.82
C ASP C 268 34.49 10.82 15.51
N LYS C 269 34.43 11.97 14.83
CA LYS C 269 33.79 13.14 15.40
C LYS C 269 32.28 12.89 15.61
N ASN C 270 31.65 12.25 14.63
CA ASN C 270 30.20 12.06 14.74
C ASN C 270 29.85 10.90 15.66
N GLN C 271 30.71 9.86 15.72
CA GLN C 271 30.50 8.79 16.67
C GLN C 271 30.58 9.32 18.12
N LYS C 272 31.47 10.27 18.37
CA LYS C 272 31.53 10.90 19.68
C LYS C 272 30.22 11.57 20.01
N THR C 273 29.70 12.39 19.06
CA THR C 273 28.39 13.04 19.21
C THR C 273 27.32 12.03 19.53
N VAL C 274 27.28 10.95 18.77
CA VAL C 274 26.29 9.88 19.03
C VAL C 274 26.42 9.37 20.46
N GLU C 275 27.67 9.23 20.92
CA GLU C 275 27.94 8.76 22.28
C GLU C 275 27.46 9.78 23.32
N GLU C 276 27.72 11.07 23.09
CA GLU C 276 27.30 12.07 24.07
C GLU C 276 25.79 12.22 24.15
N ARG C 277 25.06 11.92 23.06
CA ARG C 277 23.61 11.94 23.14
C ARG C 277 23.12 11.09 24.31
N LYS C 278 23.81 9.98 24.58
CA LYS C 278 23.32 8.99 25.53
C LYS C 278 23.24 9.54 26.95
N THR C 279 24.12 10.45 27.30
CA THR C 279 24.10 11.05 28.62
C THR C 279 23.83 12.54 28.54
N PHE C 280 23.04 12.94 27.54
CA PHE C 280 22.87 14.36 27.27
C PHE C 280 22.22 15.09 28.45
N GLY C 281 21.30 14.43 29.16
CA GLY C 281 20.59 15.06 30.23
C GLY C 281 21.19 14.69 31.57
N ILE C 282 20.37 14.81 32.62
CA ILE C 282 20.72 14.30 33.93
C ILE C 282 19.90 13.06 34.17
N ASN C 283 20.56 11.90 34.12
CA ASN C 283 19.89 10.63 34.34
C ASN C 283 18.96 10.29 33.19
N LYS C 284 19.22 10.86 32.01
CA LYS C 284 18.40 10.78 30.80
C LYS C 284 19.31 11.09 29.64
N GLY C 285 18.94 10.56 28.48
CA GLY C 285 19.65 10.83 27.25
C GLY C 285 18.69 11.02 26.10
N LEU C 286 19.26 11.30 24.94
CA LEU C 286 18.55 11.44 23.68
C LEU C 286 18.66 10.12 22.92
N ARG C 287 17.76 9.96 21.93
CA ARG C 287 17.61 8.71 21.18
C ARG C 287 18.77 8.46 20.24
N ASN C 288 19.12 7.20 20.08
CA ASN C 288 20.15 6.77 19.13
C ASN C 288 19.50 5.89 18.07
N PRO C 289 19.38 6.37 16.82
CA PRO C 289 18.73 5.57 15.78
C PRO C 289 19.49 4.31 15.45
N TYR C 290 20.75 4.24 15.85
CA TYR C 290 21.61 3.10 15.56
C TYR C 290 21.59 2.03 16.64
N ALA C 291 20.96 2.28 17.80
CA ALA C 291 21.04 1.41 19.00
C ALA C 291 20.65 -0.05 18.76
#